data_4P25
#
_entry.id   4P25
#
_cell.length_a   62.314
_cell.length_b   63.124
_cell.length_c   90.580
_cell.angle_alpha   72.80
_cell.angle_beta   82.18
_cell.angle_gamma   60.85
#
_symmetry.space_group_name_H-M   'P 1'
#
loop_
_entity.id
_entity.type
_entity.pdbx_description
1 polymer 'Major capsid protein'
2 branched alpha-L-fucopyranose-(1-2)-beta-D-galactopyranose-(1-4)-[alpha-L-fucopyranose-(1-3)]2-acetamido-2-deoxy-beta-D-glucopyranose
3 water water
#
_entity_poly.entity_id   1
_entity_poly.type   'polypeptide(L)'
_entity_poly.pdbx_seq_one_letter_code
;AEQKTRQLTVPNIPLNNLANSRVPAMINKMTVSTDQNQVVQFQNGRCTLEGQLLGTTPVSASQVARIRGKVFSTASGKGL
NLTELDGTPYHAFESPAPLGFPDIGACDWHVSTFKVDQNLSGDPMSRLDVKQNAPFAPHLGSIEFTSDQDPTGDQLGTLA
WVSPSTSGARVDPWKIPSYGSTVTESTHLAPPIFPPGFGEAIVYFMSDFPIVSGNTAQVPCTLPQEFVSHFVEQQAPVRG
EAALLHYVDPDTHRNLGEFKLYPDGFITCVPNTGGGPQNLPTNGVFVFSSWVSRYYQLKPVG
;
_entity_poly.pdbx_strand_id   A,B,C,D
#
loop_
_chem_comp.id
_chem_comp.type
_chem_comp.name
_chem_comp.formula
FUC L-saccharide, alpha linking alpha-L-fucopyranose 'C6 H12 O5'
GAL D-saccharide, beta linking beta-D-galactopyranose 'C6 H12 O6'
NAG D-saccharide, beta linking 2-acetamido-2-deoxy-beta-D-glucopyranose 'C8 H15 N O6'
#
# COMPACT_ATOMS: atom_id res chain seq x y z
N LEU A 8 14.75 -19.92 4.86
CA LEU A 8 15.39 -18.70 4.43
C LEU A 8 14.38 -17.75 3.81
N THR A 9 14.44 -16.48 4.18
CA THR A 9 13.76 -15.43 3.44
C THR A 9 14.80 -14.35 3.15
N VAL A 10 14.46 -13.42 2.28
CA VAL A 10 15.26 -12.22 2.08
C VAL A 10 14.35 -11.03 2.37
N PRO A 11 14.94 -9.85 2.63
CA PRO A 11 14.12 -8.69 3.02
C PRO A 11 12.98 -8.34 2.07
N ASN A 12 11.77 -8.25 2.62
CA ASN A 12 10.60 -7.82 1.88
C ASN A 12 10.55 -6.29 1.84
N ILE A 13 11.53 -5.71 1.15
CA ILE A 13 11.74 -4.27 1.08
C ILE A 13 12.19 -3.95 -0.34
N PRO A 14 11.58 -2.93 -0.97
CA PRO A 14 12.01 -2.60 -2.33
C PRO A 14 13.46 -2.13 -2.36
N LEU A 15 14.14 -2.40 -3.46
CA LEU A 15 15.57 -2.15 -3.57
C LEU A 15 15.97 -0.71 -3.26
N ASN A 16 15.16 0.25 -3.68
CA ASN A 16 15.47 1.65 -3.42
C ASN A 16 15.24 2.10 -1.97
N ASN A 17 14.69 1.20 -1.15
CA ASN A 17 14.61 1.38 0.30
C ASN A 17 15.68 0.58 1.06
N LEU A 18 16.66 0.05 0.33
CA LEU A 18 17.76 -0.69 0.94
C LEU A 18 19.04 0.12 0.97
N ALA A 19 19.82 -0.03 2.04
CA ALA A 19 21.08 0.70 2.21
C ALA A 19 22.29 0.01 1.56
N ASN A 20 23.22 0.83 1.08
CA ASN A 20 24.53 0.32 0.69
C ASN A 20 25.24 -0.19 1.94
N SER A 21 26.04 -1.24 1.77
CA SER A 21 26.77 -1.84 2.87
C SER A 21 28.21 -1.36 2.97
N ARG A 22 28.64 -0.50 2.05
CA ARG A 22 30.02 0.02 2.05
C ARG A 22 30.12 1.53 2.28
N VAL A 23 29.03 2.25 2.02
CA VAL A 23 28.94 3.67 2.35
C VAL A 23 27.55 3.96 2.91
N PRO A 24 27.42 5.02 3.72
CA PRO A 24 26.10 5.38 4.27
C PRO A 24 25.24 6.08 3.23
N ALA A 25 24.57 5.28 2.41
CA ALA A 25 23.79 5.78 1.29
C ALA A 25 22.76 4.73 0.93
N MET A 26 21.76 5.14 0.16
CA MET A 26 20.74 4.22 -0.30
C MET A 26 21.12 3.67 -1.67
N ILE A 27 20.65 2.46 -1.97
CA ILE A 27 20.89 1.87 -3.28
C ILE A 27 20.08 2.57 -4.35
N ASN A 28 20.76 2.91 -5.45
CA ASN A 28 20.19 3.63 -6.58
C ASN A 28 19.88 2.71 -7.76
N LYS A 29 20.68 1.66 -7.92
CA LYS A 29 20.51 0.74 -9.04
C LYS A 29 21.38 -0.49 -8.85
N MET A 30 21.12 -1.51 -9.67
CA MET A 30 21.98 -2.68 -9.78
C MET A 30 22.79 -2.56 -11.05
N THR A 31 23.91 -3.27 -11.11
CA THR A 31 24.64 -3.39 -12.36
C THR A 31 25.53 -4.62 -12.32
N VAL A 32 26.06 -4.99 -13.49
CA VAL A 32 27.10 -5.99 -13.55
C VAL A 32 28.39 -5.25 -13.93
N SER A 33 29.54 -5.81 -13.61
CA SER A 33 30.80 -5.15 -13.93
C SER A 33 31.06 -5.17 -15.43
N THR A 34 31.75 -4.14 -15.93
CA THR A 34 32.04 -4.02 -17.35
C THR A 34 32.85 -5.23 -17.84
N ASP A 35 33.83 -5.63 -17.05
CA ASP A 35 34.49 -6.92 -17.24
C ASP A 35 33.81 -7.89 -16.29
N GLN A 36 33.04 -8.82 -16.84
CA GLN A 36 32.24 -9.72 -15.99
C GLN A 36 33.07 -10.80 -15.29
N ASN A 37 34.37 -10.85 -15.60
CA ASN A 37 35.28 -11.73 -14.88
C ASN A 37 35.98 -11.02 -13.72
N GLN A 38 35.68 -9.74 -13.52
CA GLN A 38 36.32 -8.97 -12.45
C GLN A 38 36.07 -9.60 -11.08
N VAL A 39 37.14 -9.79 -10.32
CA VAL A 39 37.08 -10.32 -8.96
C VAL A 39 37.09 -9.15 -7.97
N VAL A 40 36.21 -9.21 -6.97
CA VAL A 40 36.23 -8.20 -5.90
C VAL A 40 36.49 -8.86 -4.55
N GLN A 41 36.85 -8.06 -3.57
CA GLN A 41 37.15 -8.58 -2.24
C GLN A 41 36.70 -7.60 -1.16
N PHE A 42 35.50 -7.06 -1.32
CA PHE A 42 34.96 -6.11 -0.37
C PHE A 42 34.99 -6.70 1.03
N GLN A 43 35.29 -5.86 2.03
CA GLN A 43 35.36 -6.32 3.42
C GLN A 43 34.11 -5.97 4.22
N ASN A 44 33.33 -5.02 3.70
CA ASN A 44 32.01 -4.74 4.23
C ASN A 44 30.93 -5.29 3.30
N GLY A 45 29.72 -5.46 3.84
CA GLY A 45 28.64 -6.13 3.12
C GLY A 45 28.85 -7.62 2.90
N ARG A 46 29.65 -8.23 3.76
CA ARG A 46 29.99 -9.65 3.64
C ARG A 46 29.40 -10.47 4.77
N CYS A 47 28.57 -11.44 4.42
CA CYS A 47 27.88 -12.26 5.39
C CYS A 47 27.41 -13.52 4.70
N THR A 48 27.59 -14.67 5.35
CA THR A 48 27.08 -15.91 4.77
C THR A 48 25.57 -15.99 4.98
N LEU A 49 24.91 -16.83 4.18
CA LEU A 49 23.46 -16.96 4.28
C LEU A 49 23.01 -17.47 5.67
N GLU A 50 23.92 -18.21 6.33
CA GLU A 50 23.63 -18.74 7.66
C GLU A 50 23.77 -17.67 8.75
N GLY A 51 24.26 -16.49 8.37
CA GLY A 51 24.33 -15.36 9.27
C GLY A 51 25.69 -15.14 9.91
N GLN A 52 26.75 -15.63 9.27
CA GLN A 52 28.10 -15.36 9.77
C GLN A 52 28.71 -14.14 9.11
N LEU A 53 28.94 -13.09 9.90
CA LEU A 53 29.60 -11.88 9.41
C LEU A 53 31.04 -12.18 9.00
N LEU A 54 31.47 -11.54 7.92
CA LEU A 54 32.82 -11.72 7.41
C LEU A 54 33.51 -10.37 7.29
N GLY A 55 34.84 -10.36 7.31
CA GLY A 55 35.59 -9.13 7.21
C GLY A 55 35.27 -8.16 8.34
N THR A 56 35.03 -6.90 7.99
CA THR A 56 34.72 -5.88 8.98
C THR A 56 33.23 -5.57 9.05
N THR A 57 32.44 -6.37 8.34
CA THR A 57 31.00 -6.14 8.20
C THR A 57 30.28 -6.06 9.54
N PRO A 58 29.54 -4.95 9.78
CA PRO A 58 28.72 -4.78 10.97
C PRO A 58 27.27 -5.18 10.68
N VAL A 59 26.41 -5.09 11.68
CA VAL A 59 25.02 -5.49 11.52
C VAL A 59 24.14 -4.35 11.01
N SER A 60 24.35 -3.15 11.52
CA SER A 60 23.47 -2.03 11.20
C SER A 60 23.99 -1.11 10.09
N ALA A 61 23.08 -0.58 9.30
CA ALA A 61 23.43 0.40 8.28
C ALA A 61 24.08 1.64 8.90
N SER A 62 23.78 1.90 10.17
CA SER A 62 24.38 3.04 10.86
C SER A 62 25.72 2.74 11.51
N GLN A 63 26.28 1.58 11.19
CA GLN A 63 27.67 1.23 11.54
C GLN A 63 28.58 1.24 10.31
N VAL A 64 28.00 1.39 9.13
CA VAL A 64 28.73 1.26 7.87
C VAL A 64 29.66 2.44 7.56
N ALA A 65 30.94 2.15 7.36
CA ALA A 65 31.96 3.16 7.02
C ALA A 65 32.09 4.26 8.07
N ARG A 66 32.19 3.84 9.33
CA ARG A 66 32.37 4.76 10.44
C ARG A 66 33.67 4.45 11.16
N ILE A 67 34.19 5.45 11.86
CA ILE A 67 35.46 5.35 12.56
C ILE A 67 35.32 5.98 13.94
N ARG A 68 35.93 5.35 14.94
CA ARG A 68 36.00 5.94 16.26
C ARG A 68 37.39 5.72 16.82
N GLY A 69 37.91 6.72 17.53
CA GLY A 69 39.22 6.58 18.13
C GLY A 69 39.60 7.76 18.99
N LYS A 70 40.73 7.61 19.67
CA LYS A 70 41.26 8.68 20.51
C LYS A 70 42.43 9.37 19.85
N VAL A 71 42.36 10.69 19.79
CA VAL A 71 43.42 11.49 19.17
C VAL A 71 44.71 11.40 19.97
N PHE A 72 45.82 11.17 19.26
CA PHE A 72 47.14 11.17 19.89
C PHE A 72 48.14 11.93 19.02
N SER A 73 49.29 12.28 19.60
CA SER A 73 50.30 13.05 18.89
C SER A 73 51.27 12.14 18.14
N THR A 74 51.49 12.43 16.86
CA THR A 74 52.47 11.71 16.08
C THR A 74 53.64 12.64 15.77
N ALA A 75 54.63 12.13 15.04
CA ALA A 75 55.82 12.90 14.71
C ALA A 75 55.50 14.15 13.90
N SER A 76 54.46 14.09 13.08
CA SER A 76 54.17 15.18 12.15
C SER A 76 52.85 15.88 12.44
N GLY A 77 52.12 15.37 13.42
CA GLY A 77 50.79 15.88 13.72
C GLY A 77 50.02 14.79 14.42
N LYS A 78 48.72 14.69 14.15
CA LYS A 78 47.84 13.82 14.92
C LYS A 78 47.54 12.46 14.30
N GLY A 79 47.02 11.56 15.13
CA GLY A 79 46.53 10.28 14.68
C GLY A 79 45.37 9.83 15.55
N LEU A 80 44.74 8.73 15.18
CA LEU A 80 43.70 8.12 16.01
C LEU A 80 44.13 6.74 16.48
N ASN A 81 44.03 6.51 17.79
CA ASN A 81 44.12 5.16 18.32
C ASN A 81 42.71 4.61 18.32
N LEU A 82 42.47 3.65 17.42
CA LEU A 82 41.12 3.21 17.12
C LEU A 82 40.45 2.43 18.26
N THR A 83 39.14 2.61 18.39
CA THR A 83 38.31 1.74 19.22
C THR A 83 37.19 1.18 18.36
N GLU A 84 36.39 0.27 18.90
CA GLU A 84 35.15 -0.10 18.23
C GLU A 84 34.21 1.11 18.29
N LEU A 85 33.19 1.11 17.45
CA LEU A 85 32.28 2.25 17.34
C LEU A 85 31.49 2.54 18.61
N ASP A 86 31.34 1.53 19.46
CA ASP A 86 30.60 1.70 20.72
C ASP A 86 31.51 2.20 21.84
N GLY A 87 32.77 2.46 21.52
CA GLY A 87 33.72 2.99 22.48
C GLY A 87 34.51 1.93 23.21
N THR A 88 34.13 0.67 23.07
CA THR A 88 34.89 -0.40 23.71
C THR A 88 36.22 -0.61 22.98
N PRO A 89 37.23 -1.11 23.72
CA PRO A 89 38.55 -1.30 23.11
C PRO A 89 38.53 -2.17 21.87
N TYR A 90 39.29 -1.72 20.86
CA TYR A 90 39.60 -2.53 19.71
C TYR A 90 40.81 -3.36 20.08
N HIS A 91 40.79 -4.65 19.77
CA HIS A 91 42.04 -5.38 19.82
C HIS A 91 42.41 -5.91 18.45
N ALA A 92 43.71 -5.88 18.18
CA ALA A 92 44.25 -6.38 16.93
C ALA A 92 44.27 -7.89 17.01
N PHE A 93 43.30 -8.52 16.34
CA PHE A 93 43.10 -9.95 16.46
C PHE A 93 42.77 -10.48 15.07
N GLU A 94 41.57 -10.99 14.89
CA GLU A 94 41.21 -11.68 13.66
C GLU A 94 40.59 -10.80 12.57
N SER A 95 39.79 -9.82 12.98
CA SER A 95 39.17 -8.91 12.02
C SER A 95 40.23 -8.00 11.38
N PRO A 96 40.03 -7.59 10.13
CA PRO A 96 40.97 -6.67 9.46
C PRO A 96 41.08 -5.30 10.14
N ALA A 97 40.04 -4.92 10.89
CA ALA A 97 39.95 -3.58 11.45
C ALA A 97 38.75 -3.53 12.42
N PRO A 98 38.51 -2.39 13.09
CA PRO A 98 37.28 -2.34 13.89
C PRO A 98 36.05 -2.57 13.01
N LEU A 99 35.00 -3.14 13.60
CA LEU A 99 33.81 -3.40 12.82
C LEU A 99 33.22 -2.10 12.25
N GLY A 100 32.83 -2.15 10.98
CA GLY A 100 32.28 -0.99 10.30
C GLY A 100 33.32 -0.09 9.65
N PHE A 101 34.61 -0.32 9.92
CA PHE A 101 35.67 0.50 9.36
C PHE A 101 35.53 0.56 7.83
N PRO A 102 35.70 1.74 7.22
CA PRO A 102 35.49 1.81 5.76
C PRO A 102 36.43 0.90 4.98
N ASP A 103 35.99 0.46 3.81
CA ASP A 103 36.79 -0.43 2.97
C ASP A 103 36.96 0.08 1.55
N ILE A 104 36.89 1.40 1.37
CA ILE A 104 37.10 2.00 0.05
C ILE A 104 38.60 2.18 -0.14
N GLY A 105 39.20 1.33 -0.96
CA GLY A 105 40.64 1.28 -1.05
C GLY A 105 41.31 2.32 -1.92
N ALA A 106 42.60 2.53 -1.67
CA ALA A 106 43.48 3.30 -2.55
C ALA A 106 42.99 4.70 -2.86
N CYS A 107 42.65 5.44 -1.82
CA CYS A 107 42.20 6.82 -1.96
C CYS A 107 42.33 7.53 -0.62
N ASP A 108 42.30 8.86 -0.66
CA ASP A 108 42.18 9.63 0.56
C ASP A 108 40.75 9.55 1.08
N TRP A 109 40.61 9.49 2.39
CA TRP A 109 39.31 9.58 3.04
C TRP A 109 39.16 10.93 3.72
N HIS A 110 37.92 11.39 3.79
CA HIS A 110 37.60 12.61 4.53
C HIS A 110 36.44 12.26 5.43
N VAL A 111 36.73 12.24 6.73
CA VAL A 111 35.84 11.63 7.72
C VAL A 111 35.37 12.70 8.67
N SER A 112 34.06 12.85 8.82
CA SER A 112 33.51 13.90 9.68
C SER A 112 33.20 13.36 11.05
N THR A 113 33.91 13.88 12.06
CA THR A 113 33.77 13.38 13.43
C THR A 113 33.34 14.44 14.44
N PHE A 114 32.77 13.97 15.54
CA PHE A 114 32.47 14.84 16.68
C PHE A 114 33.07 14.26 17.96
N LYS A 115 33.34 15.13 18.93
CA LYS A 115 33.88 14.67 20.20
C LYS A 115 32.76 14.11 21.05
N VAL A 116 32.91 12.87 21.50
CA VAL A 116 31.89 12.24 22.29
C VAL A 116 31.90 12.77 23.72
N LEU A 120 29.09 20.43 24.45
CA LEU A 120 29.53 20.98 23.16
C LEU A 120 29.18 22.48 23.01
N SER A 121 29.93 23.20 22.17
CA SER A 121 29.67 24.62 21.91
C SER A 121 30.46 24.98 20.66
N GLY A 122 30.04 26.00 19.91
CA GLY A 122 30.72 26.21 18.69
C GLY A 122 30.51 24.98 17.80
N ASP A 123 31.16 24.98 16.65
CA ASP A 123 31.22 23.87 15.70
C ASP A 123 31.84 22.63 16.26
N PRO A 124 31.02 21.61 16.45
CA PRO A 124 31.53 20.38 17.08
C PRO A 124 32.25 19.44 16.12
N MET A 125 32.24 19.75 14.82
CA MET A 125 32.72 18.81 13.82
C MET A 125 34.18 19.04 13.45
N SER A 126 34.90 17.95 13.24
CA SER A 126 36.24 17.99 12.67
C SER A 126 36.22 17.12 11.43
N ARG A 127 36.89 17.55 10.36
CA ARG A 127 37.06 16.70 9.20
C ARG A 127 38.47 16.13 9.25
N LEU A 128 38.56 14.80 9.38
CA LEU A 128 39.84 14.11 9.39
C LEU A 128 40.20 13.67 7.98
N ASP A 129 41.33 14.16 7.51
CA ASP A 129 41.80 13.85 6.17
C ASP A 129 42.86 12.75 6.26
N VAL A 130 42.50 11.58 5.76
CA VAL A 130 43.28 10.36 5.99
C VAL A 130 43.84 9.81 4.69
N LYS A 131 45.16 9.59 4.66
CA LYS A 131 45.80 8.97 3.50
C LYS A 131 46.08 7.50 3.79
N GLN A 132 46.01 6.69 2.73
CA GLN A 132 46.30 5.26 2.84
C GLN A 132 47.76 5.00 2.49
N ASN A 133 48.64 5.58 3.29
CA ASN A 133 50.07 5.36 3.15
C ASN A 133 50.61 4.54 4.33
N ALA A 134 51.91 4.61 4.59
CA ALA A 134 52.50 3.71 5.60
C ALA A 134 51.90 3.77 7.02
N PRO A 135 51.60 4.97 7.54
CA PRO A 135 50.99 5.00 8.88
C PRO A 135 49.53 4.54 8.94
N PHE A 136 48.93 4.21 7.80
CA PHE A 136 47.57 3.67 7.75
C PHE A 136 47.64 2.21 8.17
N ALA A 137 47.37 1.97 9.44
CA ALA A 137 47.50 0.63 10.02
C ALA A 137 46.24 0.20 10.78
N PRO A 138 45.11 0.12 10.09
CA PRO A 138 43.88 -0.17 10.85
C PRO A 138 43.84 -1.53 11.54
N HIS A 139 44.51 -2.54 11.00
CA HIS A 139 44.54 -3.83 11.69
C HIS A 139 45.23 -3.69 13.04
N LEU A 140 46.34 -2.97 13.05
CA LEU A 140 47.05 -2.66 14.29
C LEU A 140 46.26 -1.74 15.21
N GLY A 141 45.39 -0.94 14.62
CA GLY A 141 44.50 -0.10 15.39
C GLY A 141 44.90 1.36 15.44
N SER A 142 45.64 1.83 14.43
CA SER A 142 45.95 3.25 14.35
C SER A 142 46.01 3.76 12.92
N ILE A 143 45.56 5.00 12.75
CA ILE A 143 45.73 5.71 11.49
C ILE A 143 46.18 7.12 11.80
N GLU A 144 46.72 7.81 10.80
CA GLU A 144 47.07 9.21 10.99
C GLU A 144 46.15 10.09 10.15
N PHE A 145 46.08 11.36 10.49
CA PHE A 145 45.26 12.31 9.74
C PHE A 145 45.82 13.71 9.81
N THR A 146 45.38 14.56 8.90
CA THR A 146 45.56 15.99 9.02
C THR A 146 44.14 16.57 9.12
N SER A 147 44.02 17.74 9.72
CA SER A 147 42.72 18.39 9.87
C SER A 147 42.89 19.89 9.96
N ASP A 148 41.96 20.62 9.36
CA ASP A 148 41.97 22.08 9.49
C ASP A 148 41.31 22.49 10.81
N GLN A 149 40.71 21.53 11.50
CA GLN A 149 40.14 21.78 12.80
C GLN A 149 41.09 21.25 13.87
N ASP A 150 40.67 21.24 15.13
CA ASP A 150 41.54 20.80 16.22
C ASP A 150 40.87 19.71 17.07
N PRO A 151 40.62 18.53 16.46
CA PRO A 151 39.99 17.43 17.21
C PRO A 151 40.87 16.94 18.36
N THR A 152 40.23 16.65 19.49
CA THR A 152 40.93 16.06 20.64
C THR A 152 40.05 14.96 21.23
N GLY A 153 40.67 14.11 22.05
CA GLY A 153 39.95 13.06 22.75
C GLY A 153 39.25 12.04 21.87
N ASP A 154 38.09 11.58 22.34
CA ASP A 154 37.32 10.49 21.74
C ASP A 154 36.48 11.03 20.59
N GLN A 155 36.89 10.71 19.36
CA GLN A 155 36.20 11.19 18.16
C GLN A 155 35.44 10.06 17.47
N LEU A 156 34.19 10.33 17.13
CA LEU A 156 33.36 9.36 16.43
C LEU A 156 32.81 10.00 15.18
N GLY A 157 32.91 9.29 14.07
CA GLY A 157 32.47 9.87 12.81
C GLY A 157 32.21 8.93 11.67
N THR A 158 31.91 9.54 10.53
CA THR A 158 31.46 8.82 9.35
C THR A 158 32.23 9.31 8.12
N LEU A 159 32.59 8.38 7.24
CA LEU A 159 33.20 8.74 5.96
C LEU A 159 32.27 9.68 5.20
N ALA A 160 32.80 10.86 4.85
CA ALA A 160 32.00 11.89 4.18
C ALA A 160 32.21 11.91 2.67
N TRP A 161 33.47 11.81 2.25
CA TRP A 161 33.82 11.79 0.83
C TRP A 161 35.23 11.23 0.62
N VAL A 162 35.54 10.87 -0.62
CA VAL A 162 36.86 10.33 -0.94
C VAL A 162 37.47 11.09 -2.13
N SER A 163 38.80 11.05 -2.22
CA SER A 163 39.52 11.76 -3.28
C SER A 163 40.80 11.00 -3.63
N PRO A 164 41.44 11.32 -4.76
CA PRO A 164 42.64 10.57 -5.19
C PRO A 164 43.80 10.63 -4.18
N SER A 165 44.59 9.57 -4.11
CA SER A 165 45.72 9.52 -3.20
C SER A 165 46.83 10.45 -3.67
N THR A 166 46.94 10.61 -4.98
CA THR A 166 47.94 11.49 -5.57
C THR A 166 47.28 12.39 -6.60
N SER A 167 47.88 13.54 -6.85
CA SER A 167 47.30 14.52 -7.77
C SER A 167 47.06 13.97 -9.17
N GLY A 168 45.93 14.35 -9.75
CA GLY A 168 45.62 13.97 -11.11
C GLY A 168 45.22 12.51 -11.27
N ALA A 169 45.31 11.73 -10.20
CA ALA A 169 44.92 10.33 -10.26
C ALA A 169 43.42 10.17 -10.11
N ARG A 170 42.94 8.95 -10.18
CA ARG A 170 41.50 8.71 -10.08
C ARG A 170 41.20 7.81 -8.88
N VAL A 171 39.95 7.84 -8.44
CA VAL A 171 39.51 6.94 -7.37
C VAL A 171 38.78 5.76 -7.98
N ASP A 172 39.16 4.55 -7.55
CA ASP A 172 38.45 3.34 -7.96
C ASP A 172 37.81 2.72 -6.71
N PRO A 173 36.50 2.91 -6.53
CA PRO A 173 35.85 2.42 -5.32
C PRO A 173 35.63 0.90 -5.32
N TRP A 174 36.08 0.22 -6.37
CA TRP A 174 36.01 -1.25 -6.42
C TRP A 174 37.19 -1.90 -5.69
N LYS A 175 38.17 -1.09 -5.30
CA LYS A 175 39.33 -1.58 -4.56
C LYS A 175 39.08 -1.58 -3.05
N ILE A 176 39.85 -2.38 -2.33
CA ILE A 176 39.84 -2.36 -0.86
C ILE A 176 41.19 -1.90 -0.32
N PRO A 177 41.23 -1.49 0.96
CA PRO A 177 42.52 -1.04 1.52
C PRO A 177 43.47 -2.18 1.79
N SER A 178 44.73 -1.84 2.02
CA SER A 178 45.68 -2.72 2.69
C SER A 178 45.57 -2.38 4.17
N TYR A 179 45.27 -3.37 5.00
CA TYR A 179 44.97 -3.09 6.41
C TYR A 179 46.24 -3.06 7.25
N GLY A 180 47.35 -3.39 6.59
CA GLY A 180 48.69 -3.18 7.13
C GLY A 180 49.58 -4.39 7.05
N SER A 181 50.83 -4.23 7.46
CA SER A 181 51.81 -5.32 7.42
C SER A 181 51.66 -6.36 8.54
N THR A 182 50.74 -6.13 9.46
CA THR A 182 50.50 -7.11 10.53
C THR A 182 49.48 -8.14 10.13
N VAL A 183 48.85 -7.91 8.98
CA VAL A 183 47.91 -8.86 8.43
C VAL A 183 48.65 -10.09 7.92
N THR A 184 48.18 -11.27 8.33
CA THR A 184 48.76 -12.53 7.90
C THR A 184 47.63 -13.46 7.47
N THR A 187 44.50 -13.56 9.67
CA THR A 187 43.57 -12.44 9.66
C THR A 187 42.33 -12.81 8.86
N HIS A 188 41.17 -12.60 9.46
CA HIS A 188 39.91 -12.97 8.81
C HIS A 188 39.48 -11.93 7.77
N LEU A 189 40.32 -11.66 6.78
CA LEU A 189 39.86 -10.92 5.61
C LEU A 189 38.79 -11.76 4.93
N ALA A 190 37.70 -11.13 4.53
CA ALA A 190 36.71 -11.80 3.70
C ALA A 190 37.38 -12.19 2.40
N PRO A 191 37.10 -13.41 1.90
CA PRO A 191 37.78 -13.91 0.71
C PRO A 191 37.27 -13.25 -0.56
N PRO A 192 38.02 -13.37 -1.67
CA PRO A 192 37.56 -12.78 -2.92
C PRO A 192 36.26 -13.45 -3.37
N ILE A 193 35.45 -12.69 -4.11
CA ILE A 193 34.24 -13.24 -4.70
C ILE A 193 34.52 -13.46 -6.17
N PHE A 194 34.49 -14.73 -6.57
CA PHE A 194 34.74 -15.10 -7.96
C PHE A 194 33.43 -15.31 -8.71
N PRO A 195 33.29 -14.67 -9.88
CA PRO A 195 32.16 -14.94 -10.76
C PRO A 195 32.11 -16.45 -11.03
N PRO A 196 30.94 -17.07 -10.81
CA PRO A 196 30.90 -18.53 -10.96
C PRO A 196 30.93 -18.97 -12.40
N GLY A 197 30.99 -18.02 -13.33
CA GLY A 197 31.07 -18.33 -14.75
C GLY A 197 29.80 -18.95 -15.28
N PHE A 198 29.90 -19.58 -16.44
CA PHE A 198 28.75 -20.16 -17.12
C PHE A 198 27.69 -19.11 -17.36
N GLY A 199 28.14 -17.92 -17.75
CA GLY A 199 27.25 -16.86 -18.12
C GLY A 199 26.79 -16.01 -16.95
N GLU A 200 27.04 -16.47 -15.73
CA GLU A 200 26.60 -15.73 -14.55
C GLU A 200 27.54 -14.57 -14.26
N ALA A 201 26.97 -13.47 -13.78
CA ALA A 201 27.75 -12.30 -13.42
C ALA A 201 27.30 -11.84 -12.04
N ILE A 202 28.25 -11.40 -11.22
CA ILE A 202 27.94 -10.87 -9.90
C ILE A 202 27.11 -9.59 -10.02
N VAL A 203 26.10 -9.48 -9.18
CA VAL A 203 25.26 -8.29 -9.14
C VAL A 203 25.80 -7.31 -8.12
N TYR A 204 26.05 -6.09 -8.57
CA TYR A 204 26.54 -5.03 -7.69
C TYR A 204 25.45 -4.00 -7.46
N PHE A 205 25.30 -3.61 -6.20
CA PHE A 205 24.30 -2.65 -5.80
C PHE A 205 25.00 -1.30 -5.63
N MET A 206 24.55 -0.31 -6.40
CA MET A 206 25.27 0.95 -6.55
C MET A 206 24.60 2.11 -5.80
N SER A 207 25.43 2.99 -5.24
CA SER A 207 24.93 4.19 -4.57
C SER A 207 25.67 5.44 -5.04
N ASP A 208 24.92 6.53 -5.21
CA ASP A 208 25.52 7.85 -5.32
C ASP A 208 26.31 8.15 -4.05
N PHE A 209 27.52 8.69 -4.22
CA PHE A 209 28.36 9.05 -3.10
C PHE A 209 29.41 10.02 -3.62
N PRO A 210 29.81 10.99 -2.80
CA PRO A 210 30.80 11.95 -3.32
C PRO A 210 32.19 11.36 -3.48
N ILE A 211 32.46 10.90 -4.69
CA ILE A 211 33.77 10.43 -5.09
C ILE A 211 34.35 11.49 -5.99
N VAL A 212 35.37 12.19 -5.49
CA VAL A 212 35.96 13.25 -6.28
C VAL A 212 37.01 12.65 -7.21
N SER A 213 36.87 12.93 -8.51
CA SER A 213 37.76 12.40 -9.54
C SER A 213 37.67 10.87 -9.59
N GLY A 214 36.44 10.36 -9.61
CA GLY A 214 36.23 8.93 -9.74
C GLY A 214 36.38 8.47 -11.17
N ALA A 217 31.42 7.71 -10.07
CA ALA A 217 30.60 8.49 -9.14
C ALA A 217 29.70 7.64 -8.27
N GLN A 218 29.78 6.31 -8.41
CA GLN A 218 28.97 5.42 -7.59
C GLN A 218 29.79 4.34 -6.90
N VAL A 219 29.38 3.99 -5.68
CA VAL A 219 30.05 2.96 -4.90
C VAL A 219 29.29 1.63 -4.99
N PRO A 220 30.00 0.56 -5.38
CA PRO A 220 29.36 -0.76 -5.45
C PRO A 220 29.40 -1.50 -4.12
N CYS A 221 28.43 -2.37 -3.88
CA CYS A 221 28.53 -3.36 -2.80
C CYS A 221 27.88 -4.64 -3.29
N THR A 222 28.14 -5.74 -2.60
CA THR A 222 27.61 -7.03 -3.05
C THR A 222 26.40 -7.55 -2.29
N LEU A 223 26.11 -6.96 -1.13
CA LEU A 223 24.83 -7.20 -0.44
C LEU A 223 24.30 -5.90 0.14
N PRO A 224 23.01 -5.61 -0.09
CA PRO A 224 22.41 -4.48 0.61
C PRO A 224 22.52 -4.73 2.11
N GLN A 225 22.70 -3.67 2.90
CA GLN A 225 22.97 -3.87 4.34
C GLN A 225 21.85 -4.63 5.05
N GLU A 226 20.60 -4.37 4.68
CA GLU A 226 19.48 -5.04 5.32
C GLU A 226 19.47 -6.56 5.05
N PHE A 227 20.07 -6.98 3.94
CA PHE A 227 20.26 -8.41 3.69
C PHE A 227 21.18 -9.00 4.75
N VAL A 228 22.27 -8.29 5.05
CA VAL A 228 23.21 -8.73 6.08
C VAL A 228 22.52 -8.90 7.43
N SER A 229 21.81 -7.87 7.89
CA SER A 229 21.14 -7.99 9.19
C SER A 229 20.05 -9.06 9.18
N HIS A 230 19.38 -9.23 8.04
CA HIS A 230 18.38 -10.29 7.88
C HIS A 230 19.01 -11.67 8.11
N PHE A 231 20.15 -11.93 7.49
CA PHE A 231 20.81 -13.22 7.63
C PHE A 231 21.30 -13.44 9.05
N VAL A 232 21.90 -12.41 9.64
CA VAL A 232 22.38 -12.49 11.03
C VAL A 232 21.23 -12.79 11.99
N GLU A 233 20.12 -12.09 11.78
CA GLU A 233 18.94 -12.21 12.62
C GLU A 233 18.30 -13.60 12.50
N GLN A 234 18.17 -14.08 11.28
CA GLN A 234 17.42 -15.30 10.98
C GLN A 234 18.16 -16.59 11.34
N GLN A 235 19.49 -16.59 11.16
CA GLN A 235 20.31 -17.79 11.37
C GLN A 235 19.71 -19.02 10.66
N ALA A 236 19.30 -18.83 9.41
CA ALA A 236 18.61 -19.88 8.66
C ALA A 236 19.54 -20.98 8.19
N PRO A 237 19.04 -22.24 8.19
CA PRO A 237 19.83 -23.34 7.63
C PRO A 237 19.94 -23.19 6.11
N VAL A 238 21.11 -23.51 5.56
CA VAL A 238 21.28 -23.51 4.11
C VAL A 238 20.93 -24.91 3.60
N ARG A 239 19.95 -24.98 2.71
CA ARG A 239 19.37 -26.27 2.33
C ARG A 239 19.58 -26.61 0.86
N GLY A 240 20.42 -25.84 0.19
CA GLY A 240 20.73 -26.08 -1.20
C GLY A 240 21.99 -25.34 -1.57
N GLU A 241 22.45 -25.53 -2.79
CA GLU A 241 23.70 -24.94 -3.24
C GLU A 241 23.55 -23.47 -3.61
N ALA A 242 22.31 -23.05 -3.83
CA ALA A 242 22.00 -21.65 -4.10
C ALA A 242 20.53 -21.39 -3.86
N ALA A 243 20.19 -20.15 -3.53
CA ALA A 243 18.80 -19.76 -3.37
C ALA A 243 18.34 -18.98 -4.58
N LEU A 244 17.32 -19.50 -5.25
CA LEU A 244 16.74 -18.81 -6.39
C LEU A 244 15.81 -17.71 -5.90
N LEU A 245 16.07 -16.47 -6.32
CA LEU A 245 15.24 -15.34 -5.95
C LEU A 245 14.52 -14.80 -7.17
N HIS A 246 13.33 -14.26 -6.96
CA HIS A 246 12.64 -13.50 -7.98
C HIS A 246 12.65 -12.04 -7.58
N TYR A 247 12.82 -11.16 -8.56
CA TYR A 247 12.77 -9.72 -8.34
C TYR A 247 11.42 -9.22 -8.84
N VAL A 248 10.57 -8.81 -7.91
CA VAL A 248 9.15 -8.61 -8.19
C VAL A 248 8.74 -7.14 -8.14
N ASP A 249 7.96 -6.72 -9.13
CA ASP A 249 7.35 -5.40 -9.13
C ASP A 249 6.34 -5.37 -7.98
N PRO A 250 6.52 -4.48 -7.00
CA PRO A 250 5.65 -4.51 -5.83
C PRO A 250 4.26 -3.94 -6.08
N ASP A 251 4.06 -3.35 -7.25
CA ASP A 251 2.78 -2.74 -7.57
C ASP A 251 1.93 -3.62 -8.49
N THR A 252 2.56 -4.26 -9.47
CA THR A 252 1.85 -5.15 -10.39
C THR A 252 2.01 -6.62 -9.99
N HIS A 253 2.96 -6.88 -9.11
CA HIS A 253 3.25 -8.23 -8.62
C HIS A 253 3.82 -9.16 -9.69
N ARG A 254 4.32 -8.57 -10.76
CA ARG A 254 4.94 -9.33 -11.83
C ARG A 254 6.41 -9.64 -11.53
N ASN A 255 6.84 -10.82 -11.94
CA ASN A 255 8.21 -11.27 -11.79
C ASN A 255 9.08 -10.62 -12.87
N LEU A 256 10.05 -9.81 -12.45
CA LEU A 256 10.88 -9.06 -13.39
C LEU A 256 12.19 -9.76 -13.75
N GLY A 257 12.59 -10.75 -12.97
CA GLY A 257 13.82 -11.46 -13.25
C GLY A 257 14.26 -12.43 -12.17
N GLU A 258 15.12 -13.36 -12.58
CA GLU A 258 15.65 -14.42 -11.71
C GLU A 258 17.08 -14.12 -11.29
N PHE A 259 17.38 -14.40 -10.02
CA PHE A 259 18.73 -14.20 -9.48
C PHE A 259 19.10 -15.40 -8.61
N LYS A 260 20.40 -15.67 -8.48
CA LYS A 260 20.85 -16.68 -7.54
C LYS A 260 21.61 -16.09 -6.38
N LEU A 261 21.22 -16.46 -5.18
CA LEU A 261 21.89 -16.04 -3.96
C LEU A 261 22.70 -17.21 -3.42
N TYR A 262 24.02 -17.03 -3.36
CA TYR A 262 24.92 -18.11 -2.99
C TYR A 262 25.20 -18.11 -1.48
N PRO A 263 25.44 -19.29 -0.91
CA PRO A 263 25.66 -19.45 0.54
C PRO A 263 26.78 -18.57 1.10
N ASP A 264 27.81 -18.28 0.31
CA ASP A 264 28.88 -17.40 0.77
C ASP A 264 28.49 -15.91 0.78
N GLY A 265 27.29 -15.60 0.31
CA GLY A 265 26.74 -14.27 0.49
C GLY A 265 26.99 -13.30 -0.65
N PHE A 266 26.59 -13.68 -1.85
CA PHE A 266 26.58 -12.75 -2.97
C PHE A 266 25.49 -13.19 -3.94
N ILE A 267 25.16 -12.33 -4.90
CA ILE A 267 24.05 -12.55 -5.81
C ILE A 267 24.53 -12.47 -7.24
N THR A 268 24.01 -13.37 -8.09
CA THR A 268 24.34 -13.33 -9.50
C THR A 268 23.09 -13.32 -10.36
N CYS A 269 23.28 -13.01 -11.64
CA CYS A 269 22.24 -13.12 -12.65
C CYS A 269 22.93 -13.51 -13.93
N VAL A 270 22.15 -13.82 -14.96
CA VAL A 270 22.70 -13.92 -16.30
C VAL A 270 22.25 -12.66 -17.04
N PRO A 271 23.17 -11.71 -17.25
CA PRO A 271 22.75 -10.47 -17.89
C PRO A 271 22.62 -10.64 -19.41
N ASN A 272 21.54 -10.13 -19.98
CA ASN A 272 21.42 -10.06 -21.43
C ASN A 272 22.56 -9.21 -21.99
N THR A 273 23.10 -9.65 -23.13
CA THR A 273 24.18 -8.92 -23.78
C THR A 273 23.76 -7.49 -24.08
N GLY A 274 24.62 -6.53 -23.74
CA GLY A 274 24.32 -5.13 -23.96
C GLY A 274 23.42 -4.56 -22.90
N GLY A 275 23.07 -5.38 -21.92
CA GLY A 275 22.20 -4.94 -20.84
C GLY A 275 22.51 -5.62 -19.52
N GLY A 276 21.46 -5.90 -18.75
CA GLY A 276 21.63 -6.54 -17.46
C GLY A 276 20.69 -5.92 -16.44
N PRO A 277 20.96 -6.18 -15.15
CA PRO A 277 20.05 -5.71 -14.10
C PRO A 277 20.00 -4.18 -14.00
N GLN A 278 20.96 -3.49 -14.60
CA GLN A 278 20.93 -2.02 -14.64
C GLN A 278 19.75 -1.50 -15.46
N ASN A 279 19.14 -2.38 -16.25
CA ASN A 279 17.97 -2.03 -17.05
C ASN A 279 16.63 -2.35 -16.39
N LEU A 280 16.69 -2.89 -15.18
CA LEU A 280 15.49 -3.18 -14.40
C LEU A 280 15.11 -1.98 -13.57
N PRO A 281 13.79 -1.84 -13.26
CA PRO A 281 13.34 -0.82 -12.32
C PRO A 281 14.02 -1.02 -10.99
N THR A 282 14.18 0.06 -10.23
CA THR A 282 14.97 0.02 -9.02
C THR A 282 14.09 -0.07 -7.77
N ASN A 283 12.81 -0.33 -7.98
CA ASN A 283 11.87 -0.40 -6.87
C ASN A 283 11.28 -1.80 -6.65
N GLY A 284 11.94 -2.81 -7.21
CA GLY A 284 11.47 -4.17 -7.08
C GLY A 284 11.84 -4.79 -5.74
N VAL A 285 11.19 -5.90 -5.40
CA VAL A 285 11.44 -6.59 -4.16
C VAL A 285 11.98 -8.00 -4.44
N PHE A 286 13.09 -8.36 -3.81
CA PHE A 286 13.58 -9.73 -3.92
C PHE A 286 12.76 -10.65 -3.05
N VAL A 287 12.40 -11.81 -3.60
CA VAL A 287 11.61 -12.80 -2.90
C VAL A 287 12.23 -14.18 -3.08
N PHE A 288 12.47 -14.90 -1.98
CA PHE A 288 12.97 -16.26 -2.07
C PHE A 288 11.95 -17.16 -2.76
N SER A 289 12.40 -17.91 -3.76
CA SER A 289 11.51 -18.81 -4.47
C SER A 289 11.76 -20.28 -4.11
N SER A 290 13.00 -20.74 -4.26
CA SER A 290 13.34 -22.12 -3.92
C SER A 290 14.84 -22.33 -3.84
N TRP A 291 15.24 -23.45 -3.22
CA TRP A 291 16.62 -23.87 -3.23
C TRP A 291 16.91 -24.59 -4.53
N VAL A 292 18.04 -24.25 -5.15
CA VAL A 292 18.42 -24.87 -6.42
C VAL A 292 19.86 -25.35 -6.39
N SER A 293 20.23 -26.16 -7.37
CA SER A 293 21.60 -26.65 -7.44
C SER A 293 22.54 -25.57 -7.94
N ARG A 294 23.83 -25.82 -7.77
CA ARG A 294 24.88 -24.87 -8.11
C ARG A 294 24.82 -24.42 -9.57
N TYR A 295 24.45 -25.33 -10.46
CA TYR A 295 24.46 -25.02 -11.89
C TYR A 295 23.08 -24.83 -12.50
N TYR A 296 22.11 -24.55 -11.64
CA TYR A 296 20.78 -24.14 -12.09
C TYR A 296 20.93 -22.96 -13.05
N GLN A 297 20.37 -23.09 -14.25
CA GLN A 297 20.54 -22.09 -15.27
C GLN A 297 19.45 -21.02 -15.21
N LEU A 298 19.88 -19.77 -15.02
CA LEU A 298 18.96 -18.64 -14.93
C LEU A 298 18.47 -18.13 -16.28
N LYS A 299 17.24 -17.66 -16.31
CA LYS A 299 16.71 -16.91 -17.42
C LYS A 299 17.42 -15.55 -17.44
N PRO A 300 17.95 -15.15 -18.61
CA PRO A 300 18.67 -13.89 -18.68
C PRO A 300 17.80 -12.68 -18.34
N VAL A 301 18.44 -11.64 -17.82
CA VAL A 301 17.72 -10.46 -17.35
C VAL A 301 18.20 -9.17 -18.02
N GLY A 302 17.27 -8.25 -18.24
CA GLY A 302 17.60 -6.89 -18.64
C GLY A 302 18.03 -6.68 -20.09
N ARG B 6 0.63 -14.63 9.29
CA ARG B 6 2.01 -14.53 9.72
C ARG B 6 2.08 -14.18 11.22
N GLN B 7 3.12 -14.65 11.90
CA GLN B 7 3.28 -14.37 13.34
C GLN B 7 4.24 -13.21 13.59
N LEU B 8 3.81 -12.27 14.43
CA LEU B 8 4.67 -11.15 14.82
C LEU B 8 5.91 -11.62 15.55
N THR B 9 7.06 -11.10 15.15
CA THR B 9 8.29 -11.24 15.90
C THR B 9 8.94 -9.88 16.00
N VAL B 10 9.97 -9.76 16.83
CA VAL B 10 10.81 -8.58 16.84
C VAL B 10 12.24 -9.01 16.47
N PRO B 11 13.08 -8.06 16.01
CA PRO B 11 14.42 -8.44 15.55
C PRO B 11 15.25 -9.19 16.59
N ASN B 12 15.86 -10.28 16.16
CA ASN B 12 16.84 -11.03 16.92
C ASN B 12 18.21 -10.36 16.81
N ILE B 13 18.29 -9.15 17.36
CA ILE B 13 19.49 -8.32 17.30
C ILE B 13 19.63 -7.63 18.64
N PRO B 14 20.83 -7.70 19.25
CA PRO B 14 21.02 -7.05 20.55
C PRO B 14 20.88 -5.54 20.48
N LEU B 15 20.48 -4.94 21.59
CA LEU B 15 20.21 -3.50 21.69
C LEU B 15 21.33 -2.66 21.08
N ASN B 16 22.57 -3.01 21.39
CA ASN B 16 23.70 -2.20 20.95
C ASN B 16 24.05 -2.33 19.47
N ASN B 17 23.37 -3.23 18.76
CA ASN B 17 23.51 -3.30 17.31
C ASN B 17 22.30 -2.74 16.57
N LEU B 18 21.46 -1.98 17.29
CA LEU B 18 20.29 -1.33 16.70
C LEU B 18 20.53 0.15 16.49
N ALA B 19 19.98 0.67 15.40
CA ALA B 19 20.14 2.08 15.04
C ALA B 19 19.01 2.96 15.59
N ASN B 20 19.36 4.21 15.90
CA ASN B 20 18.37 5.20 16.26
C ASN B 20 17.50 5.52 15.04
N SER B 21 16.24 5.81 15.28
CA SER B 21 15.31 6.10 14.20
C SER B 21 15.10 7.61 13.95
N ARG B 22 15.77 8.45 14.73
CA ARG B 22 15.65 9.91 14.58
C ARG B 22 16.98 10.60 14.20
N VAL B 23 18.10 9.94 14.44
CA VAL B 23 19.41 10.43 13.97
C VAL B 23 20.23 9.25 13.48
N PRO B 24 21.20 9.49 12.57
CA PRO B 24 22.05 8.40 12.06
C PRO B 24 23.13 8.02 13.09
N ALA B 25 22.75 7.10 13.98
CA ALA B 25 23.57 6.77 15.14
C ALA B 25 23.11 5.44 15.70
N MET B 26 23.95 4.81 16.51
CA MET B 26 23.60 3.56 17.15
C MET B 26 23.02 3.80 18.53
N ILE B 27 22.08 2.95 18.94
CA ILE B 27 21.51 3.01 20.27
C ILE B 27 22.54 2.53 21.28
N ASN B 28 22.75 3.30 22.35
CA ASN B 28 23.68 2.85 23.38
C ASN B 28 23.06 2.62 24.77
N LYS B 29 21.77 2.95 24.92
CA LYS B 29 21.04 2.65 26.14
C LYS B 29 19.55 2.91 25.99
N MET B 30 18.80 2.37 26.95
CA MET B 30 17.36 2.62 27.09
C MET B 30 17.17 3.50 28.30
N THR B 31 16.08 4.24 28.34
CA THR B 31 15.74 4.98 29.54
C THR B 31 14.27 5.33 29.57
N VAL B 32 13.82 5.85 30.71
CA VAL B 32 12.49 6.43 30.81
C VAL B 32 12.64 7.93 31.01
N SER B 33 11.62 8.70 30.64
CA SER B 33 11.65 10.14 30.81
C SER B 33 11.56 10.52 32.30
N THR B 34 12.23 11.62 32.67
CA THR B 34 12.22 12.06 34.06
C THR B 34 10.82 12.43 34.55
N ASP B 35 10.02 13.02 33.66
CA ASP B 35 8.59 13.15 33.89
C ASP B 35 7.95 11.97 33.18
N GLN B 36 7.49 10.98 33.93
CA GLN B 36 6.98 9.76 33.31
C GLN B 36 5.60 9.94 32.68
N ASN B 37 5.03 11.12 32.85
CA ASN B 37 3.78 11.45 32.16
C ASN B 37 4.01 12.22 30.87
N GLN B 38 5.27 12.49 30.54
CA GLN B 38 5.58 13.27 29.35
C GLN B 38 5.05 12.62 28.08
N VAL B 39 4.37 13.41 27.27
CA VAL B 39 3.85 12.96 26.00
C VAL B 39 4.82 13.37 24.90
N VAL B 40 5.10 12.47 23.96
CA VAL B 40 5.96 12.83 22.83
C VAL B 40 5.20 12.68 21.52
N GLN B 41 5.71 13.31 20.47
CA GLN B 41 5.07 13.24 19.16
C GLN B 41 6.09 13.14 18.04
N PHE B 42 7.12 12.34 18.25
CA PHE B 42 8.16 12.15 17.23
C PHE B 42 7.52 11.74 15.91
N GLN B 43 8.09 12.21 14.81
CA GLN B 43 7.56 11.91 13.47
C GLN B 43 8.36 10.84 12.74
N ASN B 44 9.59 10.62 13.19
CA ASN B 44 10.38 9.48 12.72
C ASN B 44 10.38 8.38 13.78
N GLY B 45 10.70 7.17 13.36
CA GLY B 45 10.63 6.01 14.23
C GLY B 45 9.21 5.58 14.56
N ARG B 46 8.27 5.98 13.71
CA ARG B 46 6.85 5.69 13.93
C ARG B 46 6.33 4.67 12.92
N CYS B 47 5.80 3.57 13.43
CA CYS B 47 5.32 2.48 12.57
C CYS B 47 4.42 1.61 13.43
N THR B 48 3.29 1.18 12.88
CA THR B 48 2.42 0.26 13.61
C THR B 48 2.99 -1.15 13.54
N LEU B 49 2.52 -2.02 14.43
CA LEU B 49 2.98 -3.40 14.42
C LEU B 49 2.59 -4.14 13.16
N GLU B 50 1.59 -3.65 12.45
CA GLU B 50 1.15 -4.24 11.19
C GLU B 50 2.00 -3.77 10.00
N GLY B 51 2.93 -2.86 10.27
CA GLY B 51 3.86 -2.42 9.24
C GLY B 51 3.46 -1.15 8.52
N GLN B 52 2.59 -0.37 9.14
CA GLN B 52 2.18 0.90 8.54
C GLN B 52 3.07 2.03 9.05
N LEU B 53 3.87 2.61 8.14
CA LEU B 53 4.70 3.75 8.47
C LEU B 53 3.83 4.97 8.78
N LEU B 54 4.25 5.77 9.76
CA LEU B 54 3.55 6.97 10.16
C LEU B 54 4.49 8.16 10.12
N GLY B 55 3.92 9.37 10.01
CA GLY B 55 4.71 10.58 9.97
C GLY B 55 5.66 10.58 8.79
N THR B 56 6.92 10.89 9.04
CA THR B 56 7.93 10.95 7.99
C THR B 56 8.84 9.72 8.01
N THR B 57 8.48 8.74 8.83
CA THR B 57 9.32 7.57 9.07
C THR B 57 9.67 6.82 7.78
N PRO B 58 10.96 6.66 7.51
CA PRO B 58 11.41 5.85 6.37
C PRO B 58 11.70 4.42 6.80
N VAL B 59 12.12 3.59 5.85
CA VAL B 59 12.35 2.18 6.12
C VAL B 59 13.78 1.89 6.59
N SER B 60 14.76 2.54 5.96
CA SER B 60 16.17 2.26 6.21
C SER B 60 16.82 3.22 7.19
N ALA B 61 17.75 2.71 7.99
CA ALA B 61 18.53 3.57 8.87
C ALA B 61 19.32 4.62 8.09
N SER B 62 19.62 4.33 6.82
CA SER B 62 20.36 5.29 6.00
C SER B 62 19.45 6.29 5.29
N GLN B 63 18.18 6.30 5.67
CA GLN B 63 17.25 7.36 5.24
C GLN B 63 16.93 8.32 6.40
N VAL B 64 17.39 7.96 7.60
CA VAL B 64 17.01 8.69 8.81
C VAL B 64 17.70 10.06 8.92
N ALA B 65 16.90 11.11 9.03
CA ALA B 65 17.40 12.49 9.17
C ALA B 65 18.25 12.93 7.98
N ARG B 66 17.78 12.62 6.78
CA ARG B 66 18.42 13.05 5.54
C ARG B 66 17.51 14.05 4.84
N ILE B 67 18.11 14.87 3.97
CA ILE B 67 17.40 15.90 3.23
C ILE B 67 17.92 15.91 1.79
N ARG B 68 17.02 16.08 0.82
CA ARG B 68 17.42 16.25 -0.56
C ARG B 68 16.56 17.32 -1.21
N GLY B 69 17.17 18.14 -2.07
CA GLY B 69 16.41 19.13 -2.79
C GLY B 69 17.25 19.89 -3.80
N LYS B 70 16.59 20.76 -4.55
CA LYS B 70 17.27 21.59 -5.55
C LYS B 70 17.44 23.01 -5.01
N VAL B 71 18.68 23.50 -5.05
CA VAL B 71 18.97 24.86 -4.60
C VAL B 71 18.34 25.90 -5.53
N PHE B 72 17.68 26.90 -4.94
CA PHE B 72 17.19 28.04 -5.71
C PHE B 72 17.51 29.34 -5.00
N SER B 73 17.60 30.41 -5.77
CA SER B 73 17.85 31.73 -5.22
C SER B 73 16.56 32.51 -5.12
N THR B 74 16.37 33.19 -4.01
CA THR B 74 15.19 34.02 -3.84
C THR B 74 15.61 35.46 -3.91
N ALA B 75 14.63 36.35 -3.72
CA ALA B 75 14.89 37.78 -3.69
C ALA B 75 15.85 38.13 -2.56
N SER B 76 15.85 37.31 -1.50
CA SER B 76 16.61 37.64 -0.29
C SER B 76 17.69 36.63 0.11
N GLY B 77 17.74 35.47 -0.56
CA GLY B 77 18.68 34.45 -0.15
C GLY B 77 18.64 33.16 -0.93
N LYS B 78 18.81 32.04 -0.23
CA LYS B 78 18.82 30.72 -0.86
C LYS B 78 17.84 29.79 -0.17
N GLY B 79 17.27 28.88 -0.96
CA GLY B 79 16.40 27.88 -0.43
C GLY B 79 16.65 26.52 -1.05
N LEU B 80 15.99 25.52 -0.49
CA LEU B 80 16.02 24.18 -1.05
C LEU B 80 14.60 23.78 -1.39
N ASN B 81 14.36 23.52 -2.67
CA ASN B 81 13.09 22.93 -3.10
C ASN B 81 13.17 21.43 -2.90
N LEU B 82 12.49 20.94 -1.87
CA LEU B 82 12.66 19.57 -1.42
C LEU B 82 12.16 18.52 -2.40
N THR B 83 12.87 17.40 -2.45
CA THR B 83 12.39 16.22 -3.15
C THR B 83 12.45 15.06 -2.15
N GLU B 84 11.94 13.90 -2.54
CA GLU B 84 12.19 12.71 -1.75
C GLU B 84 13.68 12.37 -1.88
N LEU B 85 14.18 11.52 -0.99
CA LEU B 85 15.61 11.21 -0.96
C LEU B 85 16.13 10.54 -2.22
N ASP B 86 15.25 9.94 -3.01
CA ASP B 86 15.65 9.32 -4.27
C ASP B 86 15.60 10.30 -5.44
N GLY B 87 15.27 11.55 -5.15
CA GLY B 87 15.25 12.59 -6.17
C GLY B 87 13.89 12.77 -6.83
N THR B 88 12.96 11.85 -6.56
CA THR B 88 11.62 11.96 -7.12
C THR B 88 10.85 13.09 -6.43
N PRO B 89 9.82 13.65 -7.09
CA PRO B 89 9.16 14.83 -6.54
C PRO B 89 8.50 14.62 -5.18
N TYR B 90 8.58 15.63 -4.34
CA TYR B 90 7.82 15.64 -3.10
C TYR B 90 6.50 16.37 -3.35
N HIS B 91 5.40 15.73 -2.97
CA HIS B 91 4.09 16.38 -3.02
C HIS B 91 3.50 16.49 -1.64
N ALA B 92 3.04 17.68 -1.28
CA ALA B 92 2.27 17.83 -0.05
C ALA B 92 0.98 17.03 -0.21
N PHE B 93 0.82 15.99 0.61
CA PHE B 93 -0.41 15.20 0.57
C PHE B 93 -0.82 14.78 1.97
N GLU B 94 -0.26 13.67 2.46
CA GLU B 94 -0.60 13.21 3.80
C GLU B 94 0.63 12.92 4.67
N SER B 95 1.69 13.68 4.45
CA SER B 95 2.89 13.58 5.28
C SER B 95 3.41 14.96 5.68
N PRO B 96 4.07 15.05 6.84
CA PRO B 96 4.61 16.32 7.31
C PRO B 96 5.74 16.87 6.45
N ALA B 97 6.45 15.99 5.74
CA ALA B 97 7.65 16.38 5.01
C ALA B 97 8.08 15.19 4.16
N PRO B 98 9.15 15.32 3.34
CA PRO B 98 9.62 14.13 2.64
C PRO B 98 10.01 13.03 3.61
N LEU B 99 9.93 11.77 3.19
CA LEU B 99 10.30 10.67 4.07
C LEU B 99 11.77 10.79 4.51
N GLY B 100 11.99 10.56 5.80
CA GLY B 100 13.32 10.64 6.38
C GLY B 100 13.73 12.03 6.85
N PHE B 101 12.95 13.05 6.50
CA PHE B 101 13.25 14.43 6.89
C PHE B 101 13.42 14.50 8.41
N PRO B 102 14.44 15.21 8.89
CA PRO B 102 14.68 15.24 10.35
C PRO B 102 13.49 15.80 11.14
N ASP B 103 13.33 15.31 12.38
CA ASP B 103 12.23 15.77 13.24
C ASP B 103 12.72 16.31 14.58
N ILE B 104 13.91 16.90 14.60
CA ILE B 104 14.43 17.49 15.83
C ILE B 104 13.99 18.94 15.89
N GLY B 105 13.00 19.23 16.72
CA GLY B 105 12.35 20.52 16.67
C GLY B 105 13.04 21.68 17.36
N ALA B 106 12.65 22.89 16.97
CA ALA B 106 12.98 24.11 17.71
C ALA B 106 14.48 24.31 17.91
N CYS B 107 15.23 24.18 16.82
CA CYS B 107 16.67 24.40 16.86
C CYS B 107 17.19 24.66 15.45
N ASP B 108 18.43 25.15 15.36
CA ASP B 108 19.11 25.27 14.07
C ASP B 108 19.65 23.90 13.66
N TRP B 109 19.56 23.59 12.37
CA TRP B 109 20.15 22.38 11.84
C TRP B 109 21.38 22.72 11.03
N HIS B 110 22.33 21.85 11.02
CA HIS B 110 23.50 21.98 10.17
C HIS B 110 23.65 20.68 9.40
N VAL B 111 23.39 20.71 8.09
CA VAL B 111 23.18 19.55 7.24
C VAL B 111 24.29 19.49 6.21
N SER B 112 25.02 18.37 6.18
CA SER B 112 26.13 18.22 5.24
C SER B 112 25.68 17.55 3.95
N THR B 113 25.74 18.30 2.85
CA THR B 113 25.25 17.79 1.57
C THR B 113 26.33 17.77 0.48
N PHE B 114 26.10 16.95 -0.55
CA PHE B 114 26.94 16.98 -1.75
C PHE B 114 26.07 17.11 -2.99
N LYS B 115 26.65 17.62 -4.08
CA LYS B 115 25.92 17.72 -5.32
C LYS B 115 25.91 16.37 -6.01
N VAL B 116 24.71 15.87 -6.29
CA VAL B 116 24.58 14.61 -6.99
C VAL B 116 24.95 14.90 -8.46
N ASP B 117 26.21 14.61 -8.76
CA ASP B 117 26.84 15.01 -10.03
C ASP B 117 28.01 14.07 -10.26
N GLY B 122 38.04 18.78 -6.05
CA GLY B 122 37.77 19.79 -5.05
C GLY B 122 36.86 19.30 -3.94
N ASP B 123 36.63 20.16 -2.95
CA ASP B 123 35.77 19.81 -1.81
C ASP B 123 34.31 19.78 -2.27
N PRO B 124 33.67 18.61 -2.22
CA PRO B 124 32.30 18.46 -2.73
C PRO B 124 31.22 18.81 -1.71
N MET B 125 31.60 19.04 -0.46
CA MET B 125 30.61 19.19 0.61
C MET B 125 30.19 20.64 0.86
N SER B 126 28.91 20.80 1.17
CA SER B 126 28.38 22.08 1.63
C SER B 126 27.68 21.83 2.95
N ARG B 127 27.85 22.74 3.90
CA ARG B 127 27.08 22.65 5.14
C ARG B 127 25.94 23.65 5.05
N LEU B 128 24.72 23.14 5.05
CA LEU B 128 23.54 23.98 4.97
C LEU B 128 23.09 24.28 6.39
N ASP B 129 23.06 25.56 6.73
CA ASP B 129 22.66 25.99 8.06
C ASP B 129 21.21 26.47 7.99
N VAL B 130 20.35 25.76 8.72
CA VAL B 130 18.91 25.90 8.57
C VAL B 130 18.27 26.34 9.87
N LYS B 131 17.52 27.44 9.81
CA LYS B 131 16.80 27.92 10.98
C LYS B 131 15.33 27.51 10.88
N GLN B 132 14.73 27.19 12.03
CA GLN B 132 13.32 26.84 12.07
C GLN B 132 12.47 28.07 12.34
N ASN B 133 12.58 29.04 11.43
CA ASN B 133 11.79 30.26 11.49
C ASN B 133 10.76 30.28 10.36
N ALA B 134 10.29 31.46 9.97
CA ALA B 134 9.16 31.54 9.04
C ALA B 134 9.26 30.75 7.70
N PRO B 135 10.42 30.86 6.99
CA PRO B 135 10.55 30.14 5.72
C PRO B 135 10.80 28.63 5.86
N PHE B 136 10.81 28.12 7.07
CA PHE B 136 10.94 26.69 7.30
C PHE B 136 9.58 26.07 7.03
N ALA B 137 9.35 25.64 5.78
CA ALA B 137 8.05 25.16 5.38
C ALA B 137 8.14 23.81 4.67
N PRO B 138 8.69 22.78 5.36
CA PRO B 138 8.92 21.51 4.67
C PRO B 138 7.64 20.81 4.24
N HIS B 139 6.53 21.04 4.93
CA HIS B 139 5.29 20.40 4.52
C HIS B 139 4.86 20.90 3.15
N LEU B 140 5.09 22.18 2.90
CA LEU B 140 4.77 22.77 1.61
C LEU B 140 5.87 22.54 0.58
N GLY B 141 7.02 22.06 1.04
CA GLY B 141 8.06 21.62 0.13
C GLY B 141 9.33 22.44 0.01
N SER B 142 9.57 23.37 0.92
CA SER B 142 10.83 24.11 0.88
C SER B 142 11.30 24.62 2.22
N ILE B 143 12.61 24.84 2.31
CA ILE B 143 13.20 25.46 3.48
C ILE B 143 14.25 26.43 2.98
N GLU B 144 14.64 27.36 3.83
CA GLU B 144 15.75 28.22 3.47
C GLU B 144 16.99 27.87 4.26
N PHE B 145 18.14 28.27 3.73
CA PHE B 145 19.39 28.00 4.40
C PHE B 145 20.39 29.11 4.10
N THR B 146 21.42 29.18 4.94
CA THR B 146 22.62 29.92 4.61
C THR B 146 23.76 28.91 4.59
N SER B 147 24.82 29.24 3.87
CA SER B 147 25.99 28.37 3.80
C SER B 147 27.25 29.16 3.53
N ASP B 148 28.35 28.75 4.14
CA ASP B 148 29.65 29.35 3.85
C ASP B 148 30.25 28.77 2.58
N GLN B 149 29.62 27.71 2.05
CA GLN B 149 30.02 27.15 0.78
C GLN B 149 29.07 27.65 -0.31
N ASP B 150 29.16 27.09 -1.51
CA ASP B 150 28.35 27.55 -2.62
C ASP B 150 27.55 26.41 -3.27
N PRO B 151 26.65 25.78 -2.50
CA PRO B 151 25.90 24.66 -3.07
C PRO B 151 24.94 25.09 -4.19
N THR B 152 24.89 24.29 -5.25
CA THR B 152 23.97 24.52 -6.35
C THR B 152 23.33 23.20 -6.76
N GLY B 153 22.24 23.28 -7.51
CA GLY B 153 21.60 22.10 -8.06
C GLY B 153 21.05 21.12 -7.04
N ASP B 154 21.14 19.84 -7.38
CA ASP B 154 20.56 18.75 -6.60
C ASP B 154 21.49 18.36 -5.45
N GLN B 155 21.13 18.79 -4.23
CA GLN B 155 21.93 18.50 -3.04
C GLN B 155 21.30 17.41 -2.19
N LEU B 156 22.12 16.43 -1.79
CA LEU B 156 21.67 15.33 -0.94
C LEU B 156 22.56 15.26 0.27
N GLY B 157 21.97 15.12 1.45
CA GLY B 157 22.78 15.11 2.65
C GLY B 157 22.12 14.64 3.92
N THR B 158 22.86 14.78 5.01
CA THR B 158 22.51 14.20 6.29
C THR B 158 22.66 15.25 7.37
N LEU B 159 21.74 15.26 8.32
CA LEU B 159 21.87 16.11 9.50
C LEU B 159 23.17 15.78 10.23
N ALA B 160 24.02 16.79 10.41
CA ALA B 160 25.34 16.58 11.00
C ALA B 160 25.36 16.97 12.48
N TRP B 161 24.74 18.10 12.79
CA TRP B 161 24.66 18.58 14.18
C TRP B 161 23.56 19.61 14.33
N VAL B 162 23.19 19.91 15.57
CA VAL B 162 22.15 20.90 15.85
C VAL B 162 22.62 21.86 16.93
N SER B 163 22.03 23.06 16.95
CA SER B 163 22.43 24.10 17.89
C SER B 163 21.21 24.98 18.19
N PRO B 164 21.29 25.82 19.23
CA PRO B 164 20.07 26.56 19.61
C PRO B 164 19.62 27.57 18.56
N SER B 165 18.33 27.87 18.55
CA SER B 165 17.78 28.83 17.61
C SER B 165 18.25 30.24 17.88
N THR B 166 18.45 30.56 19.15
CA THR B 166 18.85 31.90 19.56
C THR B 166 19.92 31.82 20.65
N SER B 167 20.61 32.94 20.86
CA SER B 167 21.79 32.98 21.72
C SER B 167 21.60 32.43 23.14
N GLY B 168 20.52 32.82 23.82
CA GLY B 168 20.32 32.37 25.18
C GLY B 168 19.73 30.96 25.33
N ALA B 169 19.48 30.30 24.20
CA ALA B 169 18.63 29.10 24.21
C ALA B 169 19.34 27.76 24.37
N ARG B 170 18.55 26.71 24.53
CA ARG B 170 19.07 25.36 24.49
C ARG B 170 18.37 24.57 23.40
N VAL B 171 18.93 23.40 23.11
CA VAL B 171 18.27 22.46 22.22
C VAL B 171 17.57 21.39 23.06
N ASP B 172 16.29 21.21 22.81
CA ASP B 172 15.52 20.14 23.43
C ASP B 172 15.16 19.14 22.32
N PRO B 173 15.89 18.01 22.25
CA PRO B 173 15.65 17.06 21.16
C PRO B 173 14.38 16.25 21.34
N TRP B 174 13.64 16.50 22.42
CA TRP B 174 12.35 15.85 22.63
C TRP B 174 11.22 16.57 21.90
N LYS B 175 11.53 17.73 21.34
CA LYS B 175 10.54 18.49 20.56
C LYS B 175 10.59 18.11 19.09
N ILE B 176 9.49 18.36 18.38
CA ILE B 176 9.42 18.16 16.94
C ILE B 176 9.21 19.51 16.25
N PRO B 177 9.48 19.58 14.93
CA PRO B 177 9.32 20.85 14.23
C PRO B 177 7.86 21.26 14.03
N SER B 178 7.68 22.53 13.68
CA SER B 178 6.44 23.00 13.11
C SER B 178 6.63 22.97 11.60
N TYR B 179 5.95 22.05 10.91
CA TYR B 179 6.24 21.75 9.51
C TYR B 179 5.53 22.67 8.54
N GLY B 180 4.50 23.36 9.01
CA GLY B 180 3.67 24.18 8.13
C GLY B 180 4.07 25.63 8.15
N SER B 186 -2.44 22.33 8.46
CA SER B 186 -2.60 20.88 8.56
C SER B 186 -1.39 20.15 7.99
N THR B 187 -0.66 19.45 8.86
CA THR B 187 0.57 18.81 8.43
C THR B 187 0.58 17.29 8.55
N HIS B 188 -0.55 16.69 8.93
CA HIS B 188 -0.70 15.23 8.94
C HIS B 188 0.31 14.51 9.82
N LEU B 189 0.44 14.98 11.04
CA LEU B 189 1.42 14.44 11.98
C LEU B 189 1.00 13.05 12.46
N ALA B 190 1.98 12.18 12.67
CA ALA B 190 1.75 10.99 13.47
C ALA B 190 1.27 11.48 14.84
N PRO B 191 0.34 10.74 15.45
CA PRO B 191 -0.31 11.23 16.68
C PRO B 191 0.61 11.20 17.90
N PRO B 192 0.23 11.92 18.97
CA PRO B 192 1.01 11.86 20.21
C PRO B 192 1.02 10.46 20.80
N ILE B 193 2.09 10.13 21.51
CA ILE B 193 2.16 8.89 22.27
C ILE B 193 2.02 9.23 23.76
N PHE B 194 0.98 8.70 24.38
CA PHE B 194 0.77 8.86 25.83
C PHE B 194 1.25 7.61 26.55
N PRO B 195 1.89 7.79 27.71
CA PRO B 195 2.13 6.64 28.58
C PRO B 195 0.77 5.99 28.85
N PRO B 196 0.66 4.67 28.66
CA PRO B 196 -0.67 4.05 28.52
C PRO B 196 -1.30 3.51 29.81
N GLY B 197 -0.80 3.92 30.98
CA GLY B 197 -1.42 3.54 32.23
C GLY B 197 -0.78 2.34 32.90
N PHE B 198 -1.38 1.87 33.98
CA PHE B 198 -0.91 0.68 34.69
C PHE B 198 0.53 0.78 35.17
N GLY B 199 0.94 2.00 35.52
CA GLY B 199 2.28 2.26 36.02
C GLY B 199 3.35 2.25 34.94
N GLU B 200 2.94 2.15 33.69
CA GLU B 200 3.87 2.00 32.58
C GLU B 200 4.50 3.30 32.13
N ALA B 201 5.77 3.22 31.75
CA ALA B 201 6.50 4.35 31.21
C ALA B 201 6.99 3.99 29.83
N ILE B 202 6.94 4.95 28.93
CA ILE B 202 7.47 4.77 27.59
C ILE B 202 8.98 4.56 27.64
N VAL B 203 9.46 3.57 26.89
CA VAL B 203 10.88 3.28 26.81
C VAL B 203 11.50 4.08 25.69
N TYR B 204 12.53 4.85 25.99
CA TYR B 204 13.23 5.64 24.99
C TYR B 204 14.60 5.05 24.70
N PHE B 205 14.93 4.98 23.43
CA PHE B 205 16.20 4.43 22.99
C PHE B 205 17.13 5.60 22.65
N MET B 206 18.27 5.67 23.34
CA MET B 206 19.14 6.83 23.27
C MET B 206 20.38 6.61 22.40
N SER B 207 20.79 7.67 21.70
CA SER B 207 22.05 7.67 20.96
C SER B 207 22.86 8.92 21.23
N ASP B 208 24.18 8.78 21.27
CA ASP B 208 25.06 9.94 21.27
C ASP B 208 24.92 10.66 19.94
N PHE B 209 24.89 11.99 19.98
CA PHE B 209 24.80 12.79 18.77
C PHE B 209 25.22 14.21 19.11
N PRO B 210 25.88 14.92 18.17
CA PRO B 210 26.34 16.28 18.50
C PRO B 210 25.22 17.31 18.62
N ILE B 211 24.63 17.36 19.81
CA ILE B 211 23.66 18.38 20.16
C ILE B 211 24.43 19.46 20.89
N VAL B 212 24.59 20.61 20.25
CA VAL B 212 25.31 21.70 20.88
C VAL B 212 24.33 22.49 21.73
N SER B 213 24.67 22.64 23.00
CA SER B 213 23.83 23.30 24.00
C SER B 213 22.55 22.54 24.28
N GLY B 214 22.65 21.21 24.26
CA GLY B 214 21.59 20.37 24.79
C GLY B 214 21.94 20.08 26.23
N ASN B 215 20.96 19.62 27.02
CA ASN B 215 21.24 19.20 28.38
C ASN B 215 22.19 18.00 28.37
N THR B 216 22.01 17.12 27.40
CA THR B 216 22.99 16.08 27.10
C THR B 216 23.13 16.00 25.60
N ALA B 217 24.20 15.36 25.15
CA ALA B 217 24.41 15.14 23.73
C ALA B 217 23.84 13.79 23.34
N GLN B 218 22.54 13.62 23.58
CA GLN B 218 21.83 12.40 23.25
C GLN B 218 20.45 12.66 22.64
N VAL B 219 20.05 11.82 21.70
CA VAL B 219 18.74 11.92 21.08
C VAL B 219 17.92 10.67 21.40
N PRO B 220 16.67 10.87 21.90
CA PRO B 220 15.77 9.75 22.16
C PRO B 220 14.94 9.36 20.93
N CYS B 221 14.57 8.09 20.84
CA CYS B 221 13.57 7.66 19.87
C CYS B 221 12.70 6.58 20.51
N THR B 222 11.56 6.27 19.90
CA THR B 222 10.62 5.33 20.50
C THR B 222 10.61 3.93 19.88
N LEU B 223 11.18 3.78 18.69
CA LEU B 223 11.45 2.45 18.11
C LEU B 223 12.84 2.44 17.48
N PRO B 224 13.62 1.38 17.73
CA PRO B 224 14.87 1.22 16.97
C PRO B 224 14.52 1.10 15.49
N GLN B 225 15.39 1.61 14.62
CA GLN B 225 15.05 1.65 13.19
C GLN B 225 14.82 0.25 12.62
N GLU B 226 15.60 -0.72 13.08
CA GLU B 226 15.45 -2.07 12.58
C GLU B 226 14.13 -2.72 13.01
N PHE B 227 13.53 -2.22 14.09
CA PHE B 227 12.18 -2.66 14.45
C PHE B 227 11.20 -2.15 13.41
N VAL B 228 11.35 -0.90 13.00
CA VAL B 228 10.49 -0.32 11.97
C VAL B 228 10.54 -1.15 10.69
N SER B 229 11.73 -1.40 10.17
CA SER B 229 11.84 -2.18 8.93
C SER B 229 11.34 -3.62 9.12
N HIS B 230 11.54 -4.17 10.32
CA HIS B 230 11.06 -5.50 10.64
C HIS B 230 9.53 -5.58 10.51
N PHE B 231 8.84 -4.59 11.07
CA PHE B 231 7.37 -4.58 11.00
C PHE B 231 6.89 -4.36 9.57
N VAL B 232 7.57 -3.47 8.86
CA VAL B 232 7.21 -3.17 7.48
C VAL B 232 7.33 -4.41 6.61
N GLU B 233 8.37 -5.19 6.85
CA GLU B 233 8.63 -6.41 6.09
C GLU B 233 7.66 -7.52 6.38
N GLN B 234 7.37 -7.70 7.66
CA GLN B 234 6.64 -8.85 8.14
C GLN B 234 5.16 -8.74 7.82
N GLN B 235 4.64 -7.52 7.80
CA GLN B 235 3.23 -7.28 7.49
C GLN B 235 2.36 -8.25 8.29
N ALA B 236 2.64 -8.33 9.59
CA ALA B 236 1.98 -9.30 10.46
C ALA B 236 0.68 -8.75 11.03
N PRO B 237 -0.30 -9.63 11.25
CA PRO B 237 -1.56 -9.25 11.88
C PRO B 237 -1.40 -9.04 13.38
N VAL B 238 -2.08 -8.02 13.91
CA VAL B 238 -2.11 -7.81 15.36
C VAL B 238 -3.17 -8.72 15.94
N ARG B 239 -2.78 -9.56 16.89
CA ARG B 239 -3.67 -10.60 17.42
C ARG B 239 -4.06 -10.37 18.87
N GLY B 240 -3.67 -9.23 19.43
CA GLY B 240 -3.99 -8.90 20.80
C GLY B 240 -3.84 -7.42 21.05
N GLU B 241 -4.13 -6.99 22.27
CA GLU B 241 -4.07 -5.57 22.59
C GLU B 241 -2.65 -5.09 22.86
N ALA B 242 -1.76 -6.02 23.17
CA ALA B 242 -0.35 -5.70 23.41
C ALA B 242 0.49 -6.95 23.23
N ALA B 243 1.72 -6.78 22.79
CA ALA B 243 2.64 -7.90 22.68
C ALA B 243 3.61 -7.86 23.85
N LEU B 244 3.59 -8.91 24.67
CA LEU B 244 4.54 -9.03 25.76
C LEU B 244 5.89 -9.46 25.19
N LEU B 245 6.93 -8.71 25.53
CA LEU B 245 8.30 -9.03 25.12
C LEU B 245 9.13 -9.35 26.35
N HIS B 246 10.13 -10.21 26.17
CA HIS B 246 11.17 -10.38 27.17
C HIS B 246 12.47 -9.79 26.62
N TYR B 247 13.23 -9.13 27.49
CA TYR B 247 14.56 -8.65 27.14
C TYR B 247 15.54 -9.70 27.69
N VAL B 248 16.16 -10.43 26.79
CA VAL B 248 16.89 -11.65 27.16
C VAL B 248 18.41 -11.50 27.00
N ASP B 249 19.17 -12.01 27.98
CA ASP B 249 20.61 -12.13 27.81
C ASP B 249 20.91 -13.22 26.79
N PRO B 250 21.63 -12.87 25.72
CA PRO B 250 21.83 -13.85 24.64
C PRO B 250 22.83 -14.96 24.98
N ASP B 251 23.59 -14.79 26.07
CA ASP B 251 24.56 -15.80 26.46
C ASP B 251 24.00 -16.81 27.45
N THR B 252 23.28 -16.31 28.45
CA THR B 252 22.72 -17.17 29.49
C THR B 252 21.27 -17.53 29.18
N HIS B 253 20.68 -16.79 28.25
CA HIS B 253 19.27 -16.95 27.88
C HIS B 253 18.30 -16.57 29.00
N ARG B 254 18.79 -15.88 30.02
CA ARG B 254 17.89 -15.47 31.09
C ARG B 254 17.08 -14.22 30.75
N ASN B 255 15.84 -14.21 31.23
CA ASN B 255 14.92 -13.11 31.03
C ASN B 255 15.25 -11.96 31.98
N LEU B 256 15.63 -10.82 31.43
CA LEU B 256 16.08 -9.68 32.24
C LEU B 256 14.98 -8.68 32.53
N GLY B 257 13.84 -8.81 31.84
CA GLY B 257 12.73 -7.93 32.10
C GLY B 257 11.59 -8.04 31.10
N GLU B 258 10.39 -7.76 31.59
CA GLU B 258 9.17 -7.73 30.78
C GLU B 258 8.91 -6.36 30.20
N PHE B 259 8.49 -6.32 28.95
CA PHE B 259 8.11 -5.08 28.27
C PHE B 259 6.81 -5.30 27.50
N LYS B 260 6.06 -4.24 27.25
CA LYS B 260 4.90 -4.34 26.39
C LYS B 260 5.11 -3.55 25.11
N LEU B 261 4.81 -4.19 23.98
CA LEU B 261 4.90 -3.56 22.68
C LEU B 261 3.48 -3.32 22.17
N TYR B 262 3.12 -2.04 22.01
CA TYR B 262 1.74 -1.69 21.65
C TYR B 262 1.53 -1.61 20.15
N PRO B 263 0.32 -1.97 19.68
CA PRO B 263 -0.02 -1.95 18.25
C PRO B 263 0.31 -0.63 17.54
N ASP B 264 0.14 0.49 18.24
CA ASP B 264 0.45 1.79 17.65
C ASP B 264 1.96 2.01 17.43
N GLY B 265 2.78 1.13 17.99
CA GLY B 265 4.20 1.14 17.69
C GLY B 265 5.08 1.86 18.70
N PHE B 266 5.01 1.42 19.96
CA PHE B 266 5.94 1.89 20.98
C PHE B 266 6.05 0.84 22.07
N ILE B 267 7.03 1.02 22.95
CA ILE B 267 7.36 0.02 23.96
C ILE B 267 7.30 0.64 25.35
N THR B 268 6.77 -0.10 26.30
CA THR B 268 6.71 0.37 27.68
C THR B 268 7.31 -0.65 28.65
N CYS B 269 7.61 -0.17 29.85
CA CYS B 269 7.93 -1.04 30.98
C CYS B 269 7.34 -0.39 32.21
N VAL B 270 7.40 -1.10 33.34
CA VAL B 270 7.14 -0.47 34.63
C VAL B 270 8.49 -0.32 35.31
N PRO B 271 8.99 0.92 35.42
CA PRO B 271 10.31 1.07 36.04
C PRO B 271 10.22 0.97 37.56
N ASN B 272 11.20 0.33 38.19
CA ASN B 272 11.33 0.40 39.64
C ASN B 272 11.56 1.87 40.03
N THR B 273 11.09 2.26 41.21
CA THR B 273 11.23 3.64 41.65
C THR B 273 12.69 4.08 41.63
N GLY B 274 12.94 5.25 41.02
CA GLY B 274 14.29 5.78 40.91
C GLY B 274 15.14 5.05 39.89
N GLY B 275 14.58 4.05 39.24
CA GLY B 275 15.34 3.26 38.28
C GLY B 275 14.61 3.08 36.97
N GLY B 276 14.86 1.94 36.32
CA GLY B 276 14.26 1.67 35.03
C GLY B 276 15.21 0.94 34.11
N PRO B 277 14.86 0.86 32.83
CA PRO B 277 15.64 0.09 31.85
C PRO B 277 17.03 0.66 31.62
N GLN B 278 17.29 1.87 32.11
CA GLN B 278 18.62 2.47 32.03
C GLN B 278 19.62 1.70 32.89
N ASN B 279 19.10 0.87 33.79
CA ASN B 279 19.94 0.06 34.67
C ASN B 279 20.17 -1.36 34.14
N LEU B 280 19.58 -1.66 32.99
CA LEU B 280 19.74 -2.97 32.36
C LEU B 280 20.99 -2.99 31.49
N PRO B 281 21.59 -4.18 31.31
CA PRO B 281 22.69 -4.33 30.34
C PRO B 281 22.22 -3.95 28.94
N THR B 282 23.14 -3.51 28.11
CA THR B 282 22.80 -3.03 26.78
C THR B 282 23.08 -4.06 25.68
N ASN B 283 23.30 -5.31 26.08
CA ASN B 283 23.59 -6.35 25.10
C ASN B 283 22.49 -7.40 25.00
N GLY B 284 21.32 -7.06 25.53
CA GLY B 284 20.19 -7.97 25.51
C GLY B 284 19.41 -7.92 24.21
N VAL B 285 18.56 -8.92 24.01
CA VAL B 285 17.78 -9.05 22.78
C VAL B 285 16.31 -9.13 23.16
N PHE B 286 15.47 -8.31 22.52
CA PHE B 286 14.03 -8.41 22.72
C PHE B 286 13.49 -9.63 22.00
N VAL B 287 12.60 -10.36 22.65
CA VAL B 287 11.97 -11.55 22.07
C VAL B 287 10.48 -11.55 22.36
N PHE B 288 9.68 -11.75 21.31
CA PHE B 288 8.23 -11.85 21.47
C PHE B 288 7.89 -13.04 22.36
N SER B 289 7.01 -12.82 23.33
CA SER B 289 6.59 -13.88 24.23
C SER B 289 5.15 -14.33 23.94
N SER B 290 4.22 -13.38 24.01
CA SER B 290 2.82 -13.69 23.75
C SER B 290 1.98 -12.43 23.58
N TRP B 291 0.80 -12.58 23.01
CA TRP B 291 -0.17 -11.49 22.99
C TRP B 291 -0.85 -11.44 24.35
N VAL B 292 -0.99 -10.23 24.89
CA VAL B 292 -1.62 -10.06 26.20
C VAL B 292 -2.67 -8.97 26.17
N SER B 293 -3.45 -8.93 27.25
CA SER B 293 -4.44 -7.89 27.44
C SER B 293 -3.78 -6.52 27.62
N ARG B 294 -4.50 -5.50 27.22
CA ARG B 294 -4.15 -4.12 27.47
C ARG B 294 -3.84 -3.92 28.95
N TYR B 295 -4.52 -4.68 29.79
CA TYR B 295 -4.47 -4.49 31.22
C TYR B 295 -3.38 -5.35 31.90
N TYR B 296 -2.63 -6.13 31.13
CA TYR B 296 -1.56 -6.97 31.68
C TYR B 296 -0.58 -6.12 32.50
N GLN B 297 -0.41 -6.48 33.77
CA GLN B 297 0.44 -5.71 34.68
C GLN B 297 1.89 -6.25 34.63
N LEU B 298 2.81 -5.40 34.20
CA LEU B 298 4.21 -5.79 34.09
C LEU B 298 4.96 -5.86 35.42
N LYS B 299 5.85 -6.84 35.53
CA LYS B 299 6.83 -6.89 36.61
C LYS B 299 7.82 -5.75 36.41
N PRO B 300 8.08 -4.97 37.47
CA PRO B 300 8.99 -3.83 37.36
C PRO B 300 10.42 -4.20 36.99
N VAL B 301 11.10 -3.29 36.32
CA VAL B 301 12.44 -3.53 35.82
C VAL B 301 13.43 -2.44 36.32
N GLY B 302 14.68 -2.85 36.51
CA GLY B 302 15.76 -1.91 36.75
C GLY B 302 15.72 -1.24 38.12
N LEU C 8 -2.91 -10.10 -22.84
CA LEU C 8 -3.94 -10.39 -21.85
C LEU C 8 -3.45 -10.02 -20.46
N THR C 9 -4.29 -9.33 -19.70
CA THR C 9 -4.04 -9.13 -18.27
C THR C 9 -5.29 -9.52 -17.52
N VAL C 10 -5.18 -9.73 -16.21
CA VAL C 10 -6.35 -9.85 -15.36
C VAL C 10 -6.28 -8.70 -14.35
N PRO C 11 -7.42 -8.33 -13.73
CA PRO C 11 -7.42 -7.13 -12.89
C PRO C 11 -6.39 -7.19 -11.76
N ASN C 12 -5.60 -6.12 -11.62
CA ASN C 12 -4.70 -5.96 -10.49
C ASN C 12 -5.46 -5.44 -9.28
N ILE C 13 -6.33 -6.30 -8.73
CA ILE C 13 -7.19 -5.95 -7.61
C ILE C 13 -7.28 -7.17 -6.72
N PRO C 14 -7.06 -7.01 -5.41
CA PRO C 14 -7.12 -8.19 -4.52
C PRO C 14 -8.52 -8.81 -4.51
N LEU C 15 -8.56 -10.11 -4.27
CA LEU C 15 -9.79 -10.88 -4.39
C LEU C 15 -10.92 -10.35 -3.51
N ASN C 16 -10.60 -9.92 -2.30
CA ASN C 16 -11.63 -9.42 -1.40
C ASN C 16 -12.16 -8.04 -1.78
N ASN C 17 -11.57 -7.42 -2.80
CA ASN C 17 -12.10 -6.18 -3.37
C ASN C 17 -12.82 -6.43 -4.69
N LEU C 18 -13.10 -7.70 -4.98
CA LEU C 18 -13.85 -8.06 -6.19
C LEU C 18 -15.27 -8.48 -5.86
N ALA C 19 -16.18 -8.19 -6.79
CA ALA C 19 -17.60 -8.45 -6.59
C ALA C 19 -18.03 -9.82 -7.13
N ASN C 20 -19.01 -10.42 -6.45
CA ASN C 20 -19.67 -11.62 -6.98
C ASN C 20 -20.42 -11.25 -8.25
N SER C 21 -20.45 -12.17 -9.20
CA SER C 21 -21.15 -11.93 -10.46
C SER C 21 -22.57 -12.51 -10.49
N ARG C 22 -23.01 -13.14 -9.41
CA ARG C 22 -24.35 -13.72 -9.36
C ARG C 22 -25.24 -13.07 -8.29
N VAL C 23 -24.63 -12.44 -7.30
CA VAL C 23 -25.39 -11.63 -6.34
C VAL C 23 -24.61 -10.35 -6.04
N PRO C 24 -25.32 -9.29 -5.63
CA PRO C 24 -24.64 -8.04 -5.30
C PRO C 24 -23.96 -8.12 -3.94
N ALA C 25 -22.71 -8.59 -3.96
CA ALA C 25 -21.97 -8.89 -2.75
C ALA C 25 -20.50 -8.96 -3.11
N MET C 26 -19.64 -8.85 -2.11
CA MET C 26 -18.21 -8.97 -2.33
C MET C 26 -17.78 -10.42 -2.16
N ILE C 27 -16.71 -10.80 -2.84
CA ILE C 27 -16.18 -12.14 -2.72
C ILE C 27 -15.45 -12.23 -1.39
N ASN C 28 -15.73 -13.27 -0.61
CA ASN C 28 -14.95 -13.41 0.61
C ASN C 28 -14.11 -14.68 0.71
N LYS C 29 -14.22 -15.58 -0.26
CA LYS C 29 -13.29 -16.70 -0.36
C LYS C 29 -13.45 -17.49 -1.68
N MET C 30 -12.50 -18.37 -1.92
CA MET C 30 -12.56 -19.32 -3.03
C MET C 30 -12.83 -20.70 -2.47
N THR C 31 -13.39 -21.57 -3.29
CA THR C 31 -13.50 -22.98 -2.92
C THR C 31 -13.62 -23.84 -4.16
N VAL C 32 -13.45 -25.14 -3.97
CA VAL C 32 -13.80 -26.10 -5.01
C VAL C 32 -15.07 -26.78 -4.53
N SER C 33 -15.84 -27.34 -5.46
CA SER C 33 -17.07 -28.03 -5.08
C SER C 33 -16.76 -29.35 -4.38
N THR C 34 -17.67 -29.77 -3.51
CA THR C 34 -17.47 -30.98 -2.72
C THR C 34 -17.30 -32.20 -3.63
N ASP C 35 -18.15 -32.29 -4.65
CA ASP C 35 -17.93 -33.22 -5.75
C ASP C 35 -17.21 -32.43 -6.84
N GLN C 36 -15.92 -32.71 -7.04
CA GLN C 36 -15.16 -31.96 -8.04
C GLN C 36 -15.56 -32.30 -9.48
N ASN C 37 -16.43 -33.30 -9.65
CA ASN C 37 -16.95 -33.61 -10.97
C ASN C 37 -18.26 -32.88 -11.28
N GLN C 38 -18.72 -32.07 -10.34
CA GLN C 38 -19.97 -31.34 -10.53
C GLN C 38 -19.91 -30.36 -11.70
N VAL C 39 -20.91 -30.45 -12.57
CA VAL C 39 -21.03 -29.52 -13.69
C VAL C 39 -21.98 -28.39 -13.33
N VAL C 40 -21.63 -27.15 -13.68
CA VAL C 40 -22.53 -26.02 -13.44
C VAL C 40 -22.89 -25.32 -14.75
N GLN C 41 -23.92 -24.48 -14.71
CA GLN C 41 -24.37 -23.80 -15.91
C GLN C 41 -24.87 -22.39 -15.57
N PHE C 42 -24.16 -21.71 -14.68
CA PHE C 42 -24.51 -20.35 -14.29
C PHE C 42 -24.71 -19.47 -15.54
N GLN C 43 -25.69 -18.57 -15.48
CA GLN C 43 -25.96 -17.70 -16.63
C GLN C 43 -25.36 -16.30 -16.45
N ASN C 44 -25.07 -15.95 -15.21
CA ASN C 44 -24.35 -14.71 -14.91
C ASN C 44 -22.90 -15.03 -14.59
N GLY C 45 -22.04 -14.03 -14.69
CA GLY C 45 -20.61 -14.23 -14.51
C GLY C 45 -19.96 -15.01 -15.64
N ARG C 46 -20.60 -15.01 -16.80
CA ARG C 46 -20.11 -15.75 -17.96
C ARG C 46 -19.61 -14.82 -19.06
N CYS C 47 -18.33 -14.98 -19.42
CA CYS C 47 -17.71 -14.13 -20.43
C CYS C 47 -16.46 -14.82 -20.94
N THR C 48 -16.26 -14.82 -22.25
CA THR C 48 -15.04 -15.43 -22.79
C THR C 48 -13.85 -14.49 -22.57
N LEU C 49 -12.63 -15.02 -22.64
CA LEU C 49 -11.43 -14.19 -22.48
C LEU C 49 -11.33 -13.09 -23.52
N GLU C 50 -11.93 -13.32 -24.68
CA GLU C 50 -11.93 -12.33 -25.75
C GLU C 50 -12.94 -11.21 -25.53
N GLY C 51 -13.73 -11.32 -24.47
CA GLY C 51 -14.68 -10.28 -24.11
C GLY C 51 -16.09 -10.46 -24.63
N GLN C 52 -16.48 -11.70 -24.92
CA GLN C 52 -17.84 -11.99 -25.36
C GLN C 52 -18.72 -12.39 -24.17
N LEU C 53 -19.68 -11.54 -23.82
CA LEU C 53 -20.62 -11.85 -22.76
C LEU C 53 -21.50 -13.04 -23.15
N LEU C 54 -21.76 -13.93 -22.20
CA LEU C 54 -22.61 -15.09 -22.43
C LEU C 54 -23.80 -15.11 -21.47
N GLY C 55 -24.87 -15.79 -21.85
CA GLY C 55 -26.05 -15.88 -21.01
C GLY C 55 -26.65 -14.52 -20.72
N THR C 56 -26.99 -14.30 -19.46
CA THR C 56 -27.58 -13.03 -19.04
C THR C 56 -26.56 -12.06 -18.44
N THR C 57 -25.28 -12.41 -18.55
CA THR C 57 -24.21 -11.66 -17.89
C THR C 57 -24.14 -10.20 -18.34
N PRO C 58 -24.24 -9.26 -17.38
CA PRO C 58 -24.05 -7.84 -17.70
C PRO C 58 -22.61 -7.41 -17.47
N VAL C 59 -22.33 -6.12 -17.64
CA VAL C 59 -20.98 -5.60 -17.54
C VAL C 59 -20.62 -5.14 -16.13
N SER C 60 -21.55 -4.43 -15.49
CA SER C 60 -21.28 -3.81 -14.19
C SER C 60 -21.75 -4.64 -13.00
N ALA C 61 -21.01 -4.56 -11.91
CA ALA C 61 -21.43 -5.20 -10.66
C ALA C 61 -22.78 -4.67 -10.16
N SER C 62 -23.14 -3.45 -10.57
CA SER C 62 -24.43 -2.89 -10.18
C SER C 62 -25.57 -3.21 -11.14
N GLN C 63 -25.31 -4.15 -12.05
CA GLN C 63 -26.37 -4.76 -12.87
C GLN C 63 -26.67 -6.20 -12.43
N VAL C 64 -25.86 -6.72 -11.51
CA VAL C 64 -25.96 -8.13 -11.11
C VAL C 64 -27.18 -8.45 -10.23
N ALA C 65 -28.01 -9.39 -10.69
CA ALA C 65 -29.20 -9.85 -9.98
C ALA C 65 -30.22 -8.75 -9.74
N ARG C 66 -30.49 -8.01 -10.81
CA ARG C 66 -31.45 -6.92 -10.76
C ARG C 66 -32.56 -7.17 -11.78
N ILE C 67 -33.72 -6.58 -11.54
CA ILE C 67 -34.89 -6.80 -12.39
C ILE C 67 -35.56 -5.47 -12.65
N ARG C 68 -36.02 -5.28 -13.89
CA ARG C 68 -36.85 -4.13 -14.22
C ARG C 68 -38.02 -4.57 -15.08
N GLY C 69 -39.19 -3.99 -14.83
CA GLY C 69 -40.34 -4.27 -15.67
C GLY C 69 -41.52 -3.38 -15.36
N LYS C 70 -42.55 -3.48 -16.19
CA LYS C 70 -43.77 -2.71 -15.97
C LYS C 70 -44.82 -3.61 -15.33
N VAL C 71 -45.41 -3.16 -14.24
CA VAL C 71 -46.42 -3.96 -13.54
C VAL C 71 -47.64 -4.18 -14.42
N PHE C 72 -48.15 -5.41 -14.41
CA PHE C 72 -49.45 -5.71 -15.01
C PHE C 72 -50.32 -6.42 -13.98
N SER C 73 -51.63 -6.40 -14.22
CA SER C 73 -52.55 -7.06 -13.32
C SER C 73 -53.64 -7.74 -14.13
N THR C 74 -53.90 -9.01 -13.82
CA THR C 74 -55.04 -9.69 -14.40
C THR C 74 -55.89 -10.28 -13.28
N ALA C 75 -56.96 -10.98 -13.64
CA ALA C 75 -57.81 -11.59 -12.65
C ALA C 75 -57.05 -12.55 -11.74
N SER C 76 -56.01 -13.18 -12.28
CA SER C 76 -55.26 -14.19 -11.53
C SER C 76 -54.16 -13.60 -10.66
N GLY C 77 -53.81 -12.34 -10.89
CA GLY C 77 -52.78 -11.72 -10.08
C GLY C 77 -51.91 -10.72 -10.82
N LYS C 78 -50.81 -10.33 -10.20
CA LYS C 78 -49.93 -9.32 -10.77
C LYS C 78 -48.62 -9.92 -11.26
N GLY C 79 -47.91 -9.13 -12.04
CA GLY C 79 -46.60 -9.51 -12.52
C GLY C 79 -45.85 -8.35 -13.13
N LEU C 80 -44.66 -8.63 -13.66
CA LEU C 80 -43.90 -7.65 -14.40
C LEU C 80 -43.75 -8.07 -15.85
N ASN C 81 -44.00 -7.14 -16.77
CA ASN C 81 -43.57 -7.31 -18.13
C ASN C 81 -42.14 -6.77 -18.21
N LEU C 82 -41.18 -7.67 -18.38
CA LEU C 82 -39.76 -7.34 -18.25
C LEU C 82 -39.20 -6.44 -19.34
N THR C 83 -38.28 -5.58 -18.95
CA THR C 83 -37.42 -4.83 -19.87
C THR C 83 -35.97 -5.04 -19.47
N GLU C 84 -35.05 -4.53 -20.27
CA GLU C 84 -33.67 -4.44 -19.82
C GLU C 84 -33.61 -3.44 -18.65
N LEU C 85 -32.52 -3.47 -17.91
CA LEU C 85 -32.39 -2.63 -16.71
C LEU C 85 -32.40 -1.13 -17.03
N ASP C 86 -32.12 -0.76 -18.27
CA ASP C 86 -32.17 0.65 -18.67
C ASP C 86 -33.53 1.02 -19.27
N GLY C 87 -34.48 0.10 -19.23
CA GLY C 87 -35.84 0.34 -19.70
C GLY C 87 -36.07 0.05 -21.17
N THR C 88 -35.02 -0.39 -21.87
CA THR C 88 -35.13 -0.69 -23.29
C THR C 88 -35.63 -2.13 -23.52
N PRO C 89 -36.07 -2.45 -24.76
CA PRO C 89 -36.63 -3.78 -25.02
C PRO C 89 -35.71 -4.94 -24.72
N TYR C 90 -36.27 -5.94 -24.04
CA TYR C 90 -35.56 -7.16 -23.69
C TYR C 90 -35.32 -8.04 -24.93
N HIS C 91 -34.08 -8.50 -25.07
CA HIS C 91 -33.62 -9.28 -26.22
C HIS C 91 -33.89 -10.76 -26.07
N ALA C 92 -35.16 -11.18 -26.06
CA ALA C 92 -35.50 -12.59 -25.92
C ALA C 92 -34.94 -13.46 -27.04
N PHE C 93 -34.70 -12.85 -28.19
CA PHE C 93 -34.23 -13.59 -29.36
C PHE C 93 -32.81 -14.14 -29.16
N GLU C 94 -32.08 -13.62 -28.19
CA GLU C 94 -30.68 -14.00 -28.02
C GLU C 94 -30.21 -14.26 -26.58
N SER C 95 -31.09 -14.09 -25.60
CA SER C 95 -30.71 -14.27 -24.19
C SER C 95 -31.85 -14.95 -23.41
N PRO C 96 -31.50 -15.64 -22.30
CA PRO C 96 -32.51 -16.34 -21.49
C PRO C 96 -33.46 -15.40 -20.76
N ALA C 97 -33.01 -14.18 -20.52
CA ALA C 97 -33.76 -13.19 -19.76
C ALA C 97 -33.04 -11.85 -19.94
N PRO C 98 -33.58 -10.75 -19.39
CA PRO C 98 -32.84 -9.49 -19.51
C PRO C 98 -31.46 -9.58 -18.87
N LEU C 99 -30.50 -8.82 -19.36
CA LEU C 99 -29.17 -8.88 -18.77
C LEU C 99 -29.22 -8.49 -17.30
N GLY C 100 -28.47 -9.22 -16.48
CA GLY C 100 -28.47 -9.00 -15.04
C GLY C 100 -29.53 -9.77 -14.27
N PHE C 101 -30.52 -10.32 -14.99
CA PHE C 101 -31.61 -11.05 -14.34
C PHE C 101 -31.03 -12.13 -13.44
N PRO C 102 -31.57 -12.29 -12.22
CA PRO C 102 -30.99 -13.30 -11.32
C PRO C 102 -30.98 -14.71 -11.90
N ASP C 103 -29.97 -15.50 -11.56
CA ASP C 103 -29.87 -16.87 -12.05
C ASP C 103 -29.77 -17.88 -10.92
N ILE C 104 -30.33 -17.53 -9.75
CA ILE C 104 -30.34 -18.44 -8.62
C ILE C 104 -31.58 -19.35 -8.74
N GLY C 105 -31.36 -20.58 -9.17
CA GLY C 105 -32.47 -21.46 -9.50
C GLY C 105 -33.21 -22.12 -8.36
N ALA C 106 -34.43 -22.56 -8.66
CA ALA C 106 -35.21 -23.44 -7.80
C ALA C 106 -35.40 -22.94 -6.37
N CYS C 107 -35.83 -21.68 -6.26
CA CYS C 107 -36.12 -21.08 -4.96
C CYS C 107 -37.06 -19.91 -5.16
N ASP C 108 -37.70 -19.46 -4.08
CA ASP C 108 -38.44 -18.21 -4.09
C ASP C 108 -37.45 -17.05 -4.05
N TRP C 109 -37.76 -15.99 -4.79
CA TRP C 109 -36.97 -14.77 -4.75
C TRP C 109 -37.76 -13.67 -4.05
N HIS C 110 -37.06 -12.78 -3.39
CA HIS C 110 -37.68 -11.61 -2.79
C HIS C 110 -36.90 -10.40 -3.28
N VAL C 111 -37.55 -9.59 -4.11
CA VAL C 111 -36.88 -8.55 -4.88
C VAL C 111 -37.40 -7.19 -4.42
N SER C 112 -36.50 -6.30 -4.04
CA SER C 112 -36.90 -4.98 -3.53
C SER C 112 -36.81 -3.93 -4.63
N THR C 113 -37.96 -3.38 -5.02
CA THR C 113 -38.04 -2.47 -6.16
C THR C 113 -38.63 -1.12 -5.77
N PHE C 114 -38.32 -0.11 -6.57
CA PHE C 114 -38.96 1.20 -6.42
C PHE C 114 -39.54 1.64 -7.76
N LYS C 115 -40.50 2.55 -7.72
CA LYS C 115 -41.11 3.07 -8.93
C LYS C 115 -40.22 4.16 -9.50
N VAL C 116 -39.85 4.00 -10.77
CA VAL C 116 -38.88 4.91 -11.38
C VAL C 116 -39.45 6.32 -11.57
N ASP C 117 -40.74 6.45 -11.86
CA ASP C 117 -41.37 7.76 -11.99
C ASP C 117 -41.08 8.58 -10.71
N LEU C 120 -44.18 10.92 -3.81
CA LEU C 120 -43.85 12.18 -3.18
C LEU C 120 -43.75 12.04 -1.66
N SER C 121 -44.32 10.97 -1.13
CA SER C 121 -44.27 10.76 0.32
C SER C 121 -44.40 9.28 0.71
N GLY C 122 -43.99 8.95 1.93
CA GLY C 122 -44.10 7.59 2.38
C GLY C 122 -43.02 6.65 1.87
N ASP C 123 -43.23 5.31 2.07
CA ASP C 123 -42.30 4.25 1.75
C ASP C 123 -42.35 3.91 0.26
N PRO C 124 -41.23 4.11 -0.44
CA PRO C 124 -41.19 3.88 -1.90
C PRO C 124 -40.93 2.44 -2.29
N MET C 125 -40.58 1.57 -1.33
CA MET C 125 -40.17 0.21 -1.70
C MET C 125 -41.31 -0.79 -1.75
N SER C 126 -41.24 -1.68 -2.73
CA SER C 126 -42.12 -2.84 -2.78
C SER C 126 -41.24 -4.08 -2.76
N ARG C 127 -41.62 -5.08 -1.98
CA ARG C 127 -40.94 -6.37 -2.06
C ARG C 127 -41.76 -7.31 -2.93
N LEU C 128 -41.20 -7.72 -4.05
CA LEU C 128 -41.88 -8.64 -4.95
C LEU C 128 -41.47 -10.05 -4.60
N ASP C 129 -42.45 -10.88 -4.25
CA ASP C 129 -42.20 -12.26 -3.86
C ASP C 129 -42.51 -13.17 -5.06
N VAL C 130 -41.46 -13.79 -5.59
CA VAL C 130 -41.52 -14.49 -6.87
C VAL C 130 -41.29 -15.99 -6.66
N LYS C 131 -42.13 -16.82 -7.25
CA LYS C 131 -41.96 -18.27 -7.16
C LYS C 131 -41.48 -18.83 -8.49
N GLN C 132 -40.55 -19.77 -8.43
CA GLN C 132 -40.12 -20.48 -9.63
C GLN C 132 -40.92 -21.76 -9.76
N ASN C 133 -42.22 -21.60 -9.91
CA ASN C 133 -43.11 -22.73 -10.09
C ASN C 133 -43.31 -22.96 -11.58
N ALA C 134 -44.07 -24.00 -11.92
CA ALA C 134 -44.34 -24.32 -13.34
C ALA C 134 -44.62 -23.10 -14.25
N PRO C 135 -45.38 -22.10 -13.77
CA PRO C 135 -45.64 -20.96 -14.66
C PRO C 135 -44.48 -19.97 -14.87
N PHE C 136 -43.45 -20.00 -14.03
CA PHE C 136 -42.31 -19.09 -14.12
C PHE C 136 -41.60 -19.19 -15.47
N ALA C 137 -41.69 -18.14 -16.28
CA ALA C 137 -41.17 -18.16 -17.64
C ALA C 137 -40.61 -16.81 -18.11
N PRO C 138 -39.54 -16.33 -17.46
CA PRO C 138 -39.01 -15.00 -17.77
C PRO C 138 -38.52 -14.88 -19.22
N HIS C 139 -38.13 -15.98 -19.85
CA HIS C 139 -37.69 -15.88 -21.24
C HIS C 139 -38.78 -15.33 -22.15
N LEU C 140 -40.03 -15.64 -21.83
CA LEU C 140 -41.15 -15.14 -22.62
C LEU C 140 -41.52 -13.70 -22.28
N GLY C 141 -40.81 -13.11 -21.33
CA GLY C 141 -40.92 -11.67 -21.10
C GLY C 141 -41.70 -11.23 -19.88
N SER C 142 -42.14 -12.17 -19.05
CA SER C 142 -42.87 -11.80 -17.86
C SER C 142 -42.64 -12.75 -16.70
N ILE C 143 -42.81 -12.22 -15.49
CA ILE C 143 -42.89 -13.06 -14.30
C ILE C 143 -44.05 -12.61 -13.45
N GLU C 144 -44.55 -13.50 -12.63
CA GLU C 144 -45.60 -13.15 -11.69
C GLU C 144 -45.03 -12.94 -10.30
N PHE C 145 -45.72 -12.14 -9.50
CA PHE C 145 -45.32 -11.94 -8.10
C PHE C 145 -46.53 -11.74 -7.20
N THR C 146 -46.29 -11.90 -5.91
CA THR C 146 -47.21 -11.38 -4.91
C THR C 146 -46.44 -10.36 -4.10
N SER C 147 -47.16 -9.44 -3.46
CA SER C 147 -46.52 -8.40 -2.68
C SER C 147 -47.46 -7.86 -1.64
N ASP C 148 -46.91 -7.55 -0.47
CA ASP C 148 -47.68 -6.93 0.59
C ASP C 148 -47.80 -5.44 0.37
N GLN C 149 -47.08 -4.92 -0.62
CA GLN C 149 -47.16 -3.50 -0.96
C GLN C 149 -48.00 -3.32 -2.22
N ASP C 150 -47.94 -2.14 -2.83
CA ASP C 150 -48.78 -1.84 -3.99
C ASP C 150 -47.98 -1.30 -5.18
N PRO C 151 -47.05 -2.12 -5.72
CA PRO C 151 -46.22 -1.64 -6.83
C PRO C 151 -47.03 -1.38 -8.08
N THR C 152 -46.73 -0.27 -8.77
CA THR C 152 -47.35 0.06 -10.04
C THR C 152 -46.32 0.59 -11.01
N GLY C 153 -46.66 0.60 -12.29
CA GLY C 153 -45.80 1.14 -13.32
C GLY C 153 -44.43 0.50 -13.46
N ASP C 154 -43.45 1.35 -13.74
CA ASP C 154 -42.09 0.94 -14.03
C ASP C 154 -41.31 0.72 -12.74
N GLN C 155 -41.07 -0.54 -12.42
CA GLN C 155 -40.40 -0.93 -11.18
C GLN C 155 -38.98 -1.43 -11.47
N LEU C 156 -38.02 -0.94 -10.70
CA LEU C 156 -36.63 -1.35 -10.84
C LEU C 156 -36.09 -1.76 -9.48
N GLY C 157 -35.37 -2.86 -9.42
CA GLY C 157 -34.87 -3.27 -8.12
C GLY C 157 -33.88 -4.39 -8.14
N THR C 158 -33.61 -4.91 -6.95
CA THR C 158 -32.50 -5.82 -6.74
C THR C 158 -32.96 -7.03 -5.92
N LEU C 159 -32.45 -8.20 -6.27
CA LEU C 159 -32.68 -9.39 -5.44
C LEU C 159 -32.18 -9.16 -4.01
N ALA C 160 -33.08 -9.28 -3.04
CA ALA C 160 -32.74 -9.00 -1.64
C ALA C 160 -32.40 -10.27 -0.86
N TRP C 161 -33.19 -11.32 -1.07
CA TRP C 161 -32.96 -12.59 -0.43
C TRP C 161 -33.72 -13.71 -1.13
N VAL C 162 -33.35 -14.96 -0.83
CA VAL C 162 -34.00 -16.12 -1.43
C VAL C 162 -34.41 -17.11 -0.34
N SER C 163 -35.41 -17.93 -0.62
CA SER C 163 -35.93 -18.87 0.36
C SER C 163 -36.45 -20.12 -0.35
N PRO C 164 -36.66 -21.23 0.40
CA PRO C 164 -37.08 -22.48 -0.26
C PRO C 164 -38.41 -22.37 -1.00
N SER C 165 -38.56 -23.15 -2.06
CA SER C 165 -39.78 -23.14 -2.86
C SER C 165 -40.97 -23.71 -2.11
N THR C 166 -40.70 -24.71 -1.27
CA THR C 166 -41.74 -25.39 -0.50
C THR C 166 -41.23 -25.66 0.90
N SER C 167 -42.12 -25.83 1.89
CA SER C 167 -41.71 -26.10 3.25
C SER C 167 -40.83 -27.35 3.29
N GLY C 168 -39.75 -27.42 4.00
CA GLY C 168 -38.86 -28.56 4.10
C GLY C 168 -37.92 -28.72 2.92
N ALA C 169 -38.04 -27.84 1.93
CA ALA C 169 -37.07 -27.82 0.85
C ALA C 169 -35.89 -26.97 1.30
N ARG C 170 -34.76 -27.11 0.62
CA ARG C 170 -33.65 -26.21 0.88
C ARG C 170 -33.33 -25.43 -0.38
N VAL C 171 -32.57 -24.35 -0.22
CA VAL C 171 -32.12 -23.60 -1.36
C VAL C 171 -30.73 -24.09 -1.76
N ASP C 172 -30.60 -24.41 -3.04
CA ASP C 172 -29.31 -24.80 -3.59
C ASP C 172 -28.91 -23.73 -4.60
N PRO C 173 -28.01 -22.82 -4.20
CA PRO C 173 -27.66 -21.70 -5.09
C PRO C 173 -26.74 -22.10 -6.24
N TRP C 174 -26.45 -23.39 -6.36
CA TRP C 174 -25.63 -23.90 -7.46
C TRP C 174 -26.49 -24.24 -8.67
N LYS C 175 -27.81 -24.16 -8.49
CA LYS C 175 -28.76 -24.39 -9.57
C LYS C 175 -29.11 -23.11 -10.31
N ILE C 176 -29.58 -23.25 -11.54
CA ILE C 176 -30.08 -22.13 -12.33
C ILE C 176 -31.57 -22.29 -12.60
N PRO C 177 -32.25 -21.19 -12.99
CA PRO C 177 -33.68 -21.27 -13.28
C PRO C 177 -33.99 -22.03 -14.57
N SER C 178 -35.26 -22.42 -14.69
CA SER C 178 -35.82 -22.85 -15.95
C SER C 178 -36.52 -21.64 -16.55
N TYR C 179 -35.87 -21.01 -17.54
CA TYR C 179 -36.31 -19.70 -18.04
C TYR C 179 -37.52 -19.78 -18.96
N GLY C 180 -37.74 -20.94 -19.58
CA GLY C 180 -38.83 -21.11 -20.52
C GLY C 180 -40.09 -21.65 -19.87
N SER C 181 -41.19 -21.63 -20.64
CA SER C 181 -42.48 -22.07 -20.13
C SER C 181 -42.70 -23.55 -20.39
N THR C 182 -42.01 -24.06 -21.40
CA THR C 182 -42.07 -25.48 -21.72
C THR C 182 -40.64 -25.99 -21.78
N VAL C 183 -40.50 -27.30 -21.88
CA VAL C 183 -39.18 -27.92 -21.92
C VAL C 183 -38.54 -27.81 -23.31
N THR C 184 -39.36 -27.59 -24.33
CA THR C 184 -38.87 -27.51 -25.70
C THR C 184 -38.53 -26.09 -26.13
N GLU C 185 -38.86 -25.12 -25.27
CA GLU C 185 -38.62 -23.71 -25.59
C GLU C 185 -37.12 -23.39 -25.58
N SER C 186 -36.65 -22.78 -26.67
CA SER C 186 -35.25 -22.38 -26.78
C SER C 186 -35.02 -21.13 -25.93
N THR C 187 -34.03 -21.19 -25.04
CA THR C 187 -33.78 -20.07 -24.14
C THR C 187 -32.35 -19.49 -24.23
N HIS C 188 -31.55 -20.00 -25.17
CA HIS C 188 -30.24 -19.39 -25.46
C HIS C 188 -29.28 -19.37 -24.26
N LEU C 189 -29.22 -20.47 -23.53
CA LEU C 189 -28.38 -20.55 -22.33
C LEU C 189 -26.90 -20.55 -22.69
N ALA C 190 -26.11 -19.90 -21.84
CA ALA C 190 -24.66 -20.12 -21.86
C ALA C 190 -24.48 -21.59 -21.54
N PRO C 191 -23.51 -22.24 -22.20
CA PRO C 191 -23.31 -23.69 -22.07
C PRO C 191 -22.79 -24.10 -20.69
N PRO C 192 -22.86 -25.39 -20.37
CA PRO C 192 -22.33 -25.84 -19.08
C PRO C 192 -20.81 -25.67 -19.01
N ILE C 193 -20.30 -25.58 -17.79
CA ILE C 193 -18.86 -25.55 -17.55
C ILE C 193 -18.46 -26.92 -17.01
N PHE C 194 -17.64 -27.63 -17.77
CA PHE C 194 -17.19 -28.96 -17.38
C PHE C 194 -15.81 -28.92 -16.76
N PRO C 195 -15.64 -29.56 -15.58
CA PRO C 195 -14.28 -29.73 -15.06
C PRO C 195 -13.43 -30.42 -16.12
N PRO C 196 -12.26 -29.84 -16.44
CA PRO C 196 -11.56 -30.26 -17.67
C PRO C 196 -10.71 -31.53 -17.58
N GLY C 197 -10.61 -32.15 -16.41
CA GLY C 197 -9.88 -33.40 -16.30
C GLY C 197 -8.55 -33.30 -15.58
N PHE C 198 -7.88 -34.45 -15.45
CA PHE C 198 -6.54 -34.53 -14.90
C PHE C 198 -6.41 -33.89 -13.52
N GLY C 199 -7.46 -34.08 -12.71
CA GLY C 199 -7.44 -33.63 -11.34
C GLY C 199 -7.75 -32.16 -11.15
N GLU C 200 -8.05 -31.46 -12.24
CA GLU C 200 -8.38 -30.04 -12.14
C GLU C 200 -9.80 -29.86 -11.61
N ALA C 201 -9.98 -28.82 -10.80
CA ALA C 201 -11.28 -28.50 -10.23
C ALA C 201 -11.60 -27.04 -10.53
N ILE C 202 -12.86 -26.78 -10.86
CA ILE C 202 -13.32 -25.42 -11.11
C ILE C 202 -13.23 -24.61 -9.82
N VAL C 203 -12.71 -23.40 -9.93
CA VAL C 203 -12.63 -22.52 -8.78
C VAL C 203 -13.88 -21.67 -8.68
N TYR C 204 -14.54 -21.72 -7.53
CA TYR C 204 -15.74 -20.95 -7.27
C TYR C 204 -15.45 -19.83 -6.30
N PHE C 205 -15.99 -18.66 -6.62
CA PHE C 205 -15.81 -17.47 -5.80
C PHE C 205 -17.09 -17.25 -4.99
N MET C 206 -16.95 -17.27 -3.67
CA MET C 206 -18.11 -17.36 -2.77
C MET C 206 -18.40 -16.02 -2.10
N SER C 207 -19.68 -15.74 -1.91
CA SER C 207 -20.13 -14.55 -1.18
C SER C 207 -21.20 -14.88 -0.14
N ASP C 208 -21.12 -14.20 1.00
CA ASP C 208 -22.22 -14.23 1.96
C ASP C 208 -23.44 -13.56 1.31
N PHE C 209 -24.61 -14.14 1.53
CA PHE C 209 -25.85 -13.57 1.00
C PHE C 209 -27.01 -14.19 1.76
N PRO C 210 -28.09 -13.42 2.00
CA PRO C 210 -29.16 -14.04 2.78
C PRO C 210 -29.92 -15.11 2.01
N ILE C 211 -29.40 -16.34 2.14
CA ILE C 211 -30.10 -17.52 1.68
C ILE C 211 -30.72 -18.14 2.90
N VAL C 212 -32.03 -18.19 2.98
CA VAL C 212 -32.70 -18.74 4.13
C VAL C 212 -33.01 -20.23 3.88
N GLN C 218 -23.61 -19.58 1.29
CA GLN C 218 -22.89 -18.70 0.38
C GLN C 218 -23.24 -18.97 -1.09
N VAL C 219 -23.15 -17.92 -1.90
CA VAL C 219 -23.46 -18.03 -3.32
C VAL C 219 -22.17 -18.14 -4.12
N PRO C 220 -22.05 -19.18 -4.97
CA PRO C 220 -20.86 -19.34 -5.81
C PRO C 220 -20.99 -18.59 -7.15
N CYS C 221 -19.85 -18.19 -7.72
CA CYS C 221 -19.82 -17.74 -9.11
C CYS C 221 -18.48 -18.18 -9.71
N THR C 222 -18.39 -18.14 -11.04
CA THR C 222 -17.18 -18.66 -11.70
C THR C 222 -16.20 -17.58 -12.18
N LEU C 223 -16.64 -16.33 -12.26
CA LEU C 223 -15.73 -15.21 -12.48
C LEU C 223 -16.14 -14.03 -11.59
N PRO C 224 -15.17 -13.37 -10.95
CA PRO C 224 -15.50 -12.11 -10.28
C PRO C 224 -16.03 -11.13 -11.32
N GLN C 225 -16.99 -10.28 -10.94
CA GLN C 225 -17.60 -9.41 -11.93
C GLN C 225 -16.59 -8.49 -12.62
N GLU C 226 -15.59 -8.01 -11.88
CA GLU C 226 -14.60 -7.13 -12.46
C GLU C 226 -13.69 -7.84 -13.47
N PHE C 227 -13.58 -9.17 -13.39
CA PHE C 227 -12.90 -9.93 -14.44
C PHE C 227 -13.73 -9.83 -15.71
N VAL C 228 -15.04 -9.99 -15.58
CA VAL C 228 -15.94 -9.87 -16.74
C VAL C 228 -15.79 -8.52 -17.43
N SER C 229 -15.90 -7.44 -16.68
CA SER C 229 -15.78 -6.11 -17.31
C SER C 229 -14.37 -5.89 -17.89
N HIS C 230 -13.36 -6.45 -17.25
CA HIS C 230 -12.00 -6.36 -17.75
C HIS C 230 -11.87 -7.02 -19.12
N PHE C 231 -12.46 -8.20 -19.29
CA PHE C 231 -12.37 -8.91 -20.56
C PHE C 231 -13.15 -8.17 -21.65
N VAL C 232 -14.33 -7.65 -21.29
CA VAL C 232 -15.14 -6.89 -22.23
C VAL C 232 -14.39 -5.65 -22.73
N GLU C 233 -13.72 -4.97 -21.80
CA GLU C 233 -12.99 -3.76 -22.14
C GLU C 233 -11.83 -4.02 -23.06
N GLN C 234 -11.08 -5.07 -22.76
CA GLN C 234 -9.79 -5.31 -23.42
C GLN C 234 -9.92 -5.92 -24.79
N GLN C 235 -10.95 -6.76 -24.97
CA GLN C 235 -11.14 -7.49 -26.22
C GLN C 235 -9.82 -8.10 -26.69
N ALA C 236 -9.13 -8.76 -25.75
CA ALA C 236 -7.80 -9.28 -26.02
C ALA C 236 -7.86 -10.51 -26.88
N PRO C 237 -6.90 -10.65 -27.80
CA PRO C 237 -6.89 -11.90 -28.57
C PRO C 237 -6.42 -13.05 -27.71
N VAL C 238 -7.03 -14.21 -27.89
CA VAL C 238 -6.61 -15.40 -27.16
C VAL C 238 -5.44 -16.04 -27.93
N ARG C 239 -4.27 -16.05 -27.30
CA ARG C 239 -3.05 -16.47 -27.98
C ARG C 239 -2.53 -17.84 -27.55
N GLY C 240 -3.30 -18.54 -26.73
CA GLY C 240 -2.95 -19.89 -26.31
C GLY C 240 -4.18 -20.63 -25.86
N GLU C 241 -4.02 -21.90 -25.51
CA GLU C 241 -5.15 -22.74 -25.11
C GLU C 241 -5.63 -22.45 -23.69
N ALA C 242 -4.76 -21.86 -22.89
CA ALA C 242 -5.09 -21.50 -21.52
C ALA C 242 -4.16 -20.39 -21.04
N ALA C 243 -4.61 -19.60 -20.06
CA ALA C 243 -3.77 -18.58 -19.46
C ALA C 243 -3.36 -19.03 -18.05
N LEU C 244 -2.05 -19.15 -17.84
CA LEU C 244 -1.54 -19.49 -16.52
C LEU C 244 -1.52 -18.23 -15.65
N LEU C 245 -2.15 -18.32 -14.49
CA LEU C 245 -2.17 -17.22 -13.54
C LEU C 245 -1.44 -17.62 -12.27
N HIS C 246 -0.83 -16.63 -11.61
CA HIS C 246 -0.34 -16.82 -10.26
C HIS C 246 -1.23 -16.02 -9.31
N TYR C 247 -1.49 -16.60 -8.13
CA TYR C 247 -2.23 -15.89 -7.10
C TYR C 247 -1.19 -15.40 -6.10
N VAL C 248 -1.00 -14.09 -6.06
CA VAL C 248 0.12 -13.49 -5.33
C VAL C 248 -0.32 -12.73 -4.08
N ASP C 249 0.38 -12.92 -2.98
CA ASP C 249 0.14 -12.13 -1.78
C ASP C 249 0.65 -10.72 -2.04
N PRO C 250 -0.24 -9.71 -1.95
CA PRO C 250 0.20 -8.37 -2.37
C PRO C 250 1.11 -7.66 -1.37
N ASP C 251 1.24 -8.22 -0.18
CA ASP C 251 2.04 -7.56 0.86
C ASP C 251 3.45 -8.16 0.95
N THR C 252 3.58 -9.44 0.60
CA THR C 252 4.88 -10.10 0.64
C THR C 252 5.36 -10.51 -0.76
N HIS C 253 4.46 -10.45 -1.72
CA HIS C 253 4.76 -10.70 -3.14
C HIS C 253 5.10 -12.15 -3.41
N ARG C 254 4.68 -13.04 -2.52
CA ARG C 254 4.91 -14.46 -2.70
C ARG C 254 3.80 -15.11 -3.53
N ASN C 255 4.21 -16.00 -4.42
CA ASN C 255 3.28 -16.77 -5.23
C ASN C 255 2.59 -17.82 -4.37
N LEU C 256 1.29 -17.70 -4.18
CA LEU C 256 0.54 -18.61 -3.31
C LEU C 256 -0.04 -19.80 -4.07
N GLY C 257 0.03 -19.78 -5.40
CA GLY C 257 -0.47 -20.90 -6.16
C GLY C 257 -0.74 -20.62 -7.63
N GLU C 258 -0.69 -21.68 -8.44
CA GLU C 258 -0.94 -21.61 -9.87
C GLU C 258 -2.39 -21.92 -10.19
N PHE C 259 -2.97 -21.14 -11.11
CA PHE C 259 -4.33 -21.37 -11.57
C PHE C 259 -4.35 -21.31 -13.10
N LYS C 260 -5.32 -21.97 -13.71
CA LYS C 260 -5.50 -21.85 -15.15
C LYS C 260 -6.81 -21.14 -15.50
N LEU C 261 -6.70 -20.14 -16.37
CA LEU C 261 -7.85 -19.41 -16.86
C LEU C 261 -8.12 -19.84 -18.30
N TYR C 262 -9.28 -20.47 -18.52
CA TYR C 262 -9.60 -21.03 -19.83
C TYR C 262 -10.33 -20.02 -20.72
N PRO C 263 -10.11 -20.10 -22.05
CA PRO C 263 -10.73 -19.18 -23.02
C PRO C 263 -12.23 -19.02 -22.86
N ASP C 264 -12.94 -20.09 -22.50
CA ASP C 264 -14.39 -20.00 -22.35
C ASP C 264 -14.81 -19.24 -21.10
N GLY C 265 -13.85 -18.87 -20.25
CA GLY C 265 -14.12 -17.96 -19.14
C GLY C 265 -14.41 -18.60 -17.81
N PHE C 266 -13.50 -19.46 -17.35
CA PHE C 266 -13.58 -20.01 -16.00
C PHE C 266 -12.16 -20.34 -15.56
N ILE C 267 -12.00 -20.59 -14.27
CA ILE C 267 -10.69 -20.78 -13.67
C ILE C 267 -10.64 -22.12 -12.95
N THR C 268 -9.51 -22.81 -13.08
CA THR C 268 -9.30 -24.06 -12.36
C THR C 268 -8.01 -24.06 -11.55
N CYS C 269 -7.94 -25.00 -10.62
CA CYS C 269 -6.70 -25.32 -9.94
C CYS C 269 -6.64 -26.82 -9.78
N VAL C 270 -5.55 -27.34 -9.24
CA VAL C 270 -5.54 -28.70 -8.73
C VAL C 270 -5.50 -28.59 -7.22
N PRO C 271 -6.60 -28.98 -6.55
CA PRO C 271 -6.62 -28.80 -5.10
C PRO C 271 -5.82 -29.87 -4.38
N ASN C 272 -5.07 -29.47 -3.37
CA ASN C 272 -4.41 -30.42 -2.49
C ASN C 272 -5.44 -31.34 -1.87
N THR C 273 -5.02 -32.58 -1.63
CA THR C 273 -5.82 -33.56 -0.93
C THR C 273 -6.43 -33.01 0.36
N GLY C 274 -7.74 -33.10 0.48
CA GLY C 274 -8.44 -32.64 1.67
C GLY C 274 -8.49 -31.13 1.78
N GLY C 275 -7.99 -30.43 0.76
CA GLY C 275 -7.92 -28.99 0.80
C GLY C 275 -8.30 -28.33 -0.51
N GLY C 276 -7.61 -27.25 -0.83
CA GLY C 276 -7.89 -26.49 -2.03
C GLY C 276 -7.80 -25.00 -1.76
N PRO C 277 -8.28 -24.19 -2.72
CA PRO C 277 -8.12 -22.73 -2.62
C PRO C 277 -8.90 -22.12 -1.45
N GLN C 278 -9.81 -22.88 -0.84
CA GLN C 278 -10.48 -22.44 0.38
C GLN C 278 -9.51 -22.23 1.53
N ASN C 279 -8.31 -22.80 1.42
CA ASN C 279 -7.32 -22.66 2.47
C ASN C 279 -6.31 -21.54 2.20
N LEU C 280 -6.50 -20.83 1.10
CA LEU C 280 -5.62 -19.71 0.76
C LEU C 280 -6.13 -18.41 1.35
N PRO C 281 -5.23 -17.43 1.58
CA PRO C 281 -5.69 -16.12 2.04
C PRO C 281 -6.62 -15.52 0.99
N THR C 282 -7.50 -14.63 1.42
CA THR C 282 -8.52 -14.10 0.53
C THR C 282 -8.20 -12.70 0.01
N ASN C 283 -6.97 -12.25 0.22
CA ASN C 283 -6.58 -10.90 -0.19
C ASN C 283 -5.51 -10.91 -1.28
N GLY C 284 -5.36 -12.05 -1.95
CA GLY C 284 -4.39 -12.20 -3.01
C GLY C 284 -4.81 -11.58 -4.33
N VAL C 285 -3.84 -11.38 -5.21
CA VAL C 285 -4.09 -10.78 -6.52
C VAL C 285 -3.70 -11.78 -7.61
N PHE C 286 -4.60 -12.01 -8.56
CA PHE C 286 -4.27 -12.86 -9.70
C PHE C 286 -3.43 -12.08 -10.70
N VAL C 287 -2.39 -12.73 -11.21
CA VAL C 287 -1.49 -12.12 -12.17
C VAL C 287 -1.25 -13.05 -13.35
N PHE C 288 -1.44 -12.54 -14.56
CA PHE C 288 -1.16 -13.32 -15.77
C PHE C 288 0.33 -13.65 -15.87
N SER C 289 0.65 -14.93 -16.04
CA SER C 289 2.04 -15.36 -16.17
C SER C 289 2.42 -15.68 -17.61
N SER C 290 1.64 -16.55 -18.26
CA SER C 290 1.98 -17.02 -19.60
C SER C 290 0.80 -17.70 -20.27
N TRP C 291 0.77 -17.63 -21.60
CA TRP C 291 -0.10 -18.52 -22.37
C TRP C 291 0.50 -19.92 -22.33
N VAL C 292 -0.36 -20.92 -22.11
CA VAL C 292 0.09 -22.29 -22.00
C VAL C 292 -0.84 -23.28 -22.71
N SER C 293 -0.36 -24.51 -22.85
CA SER C 293 -1.15 -25.63 -23.35
C SER C 293 -2.36 -25.90 -22.48
N ARG C 294 -3.44 -26.39 -23.08
CA ARG C 294 -4.62 -26.78 -22.30
C ARG C 294 -4.28 -27.85 -21.26
N TYR C 295 -3.20 -28.59 -21.49
CA TYR C 295 -2.79 -29.63 -20.56
C TYR C 295 -1.61 -29.26 -19.68
N TYR C 296 -1.31 -27.97 -19.59
CA TYR C 296 -0.31 -27.51 -18.63
C TYR C 296 -0.64 -28.10 -17.26
N GLN C 297 0.37 -28.67 -16.62
CA GLN C 297 0.20 -29.43 -15.39
C GLN C 297 0.44 -28.54 -14.17
N LEU C 298 -0.63 -28.26 -13.42
CA LEU C 298 -0.55 -27.38 -12.25
C LEU C 298 -0.02 -28.06 -10.99
N LYS C 299 0.74 -27.32 -10.20
CA LYS C 299 1.09 -27.78 -8.86
C LYS C 299 -0.12 -27.61 -7.94
N PRO C 300 -0.41 -28.63 -7.12
CA PRO C 300 -1.57 -28.56 -6.23
C PRO C 300 -1.52 -27.40 -5.24
N VAL C 301 -2.68 -26.84 -4.91
CA VAL C 301 -2.76 -25.70 -4.01
C VAL C 301 -3.62 -25.96 -2.77
N GLY C 302 -3.29 -25.29 -1.69
CA GLY C 302 -4.09 -25.33 -0.48
C GLY C 302 -3.94 -26.60 0.32
N ALA D 1 9.71 1.78 -13.92
CA ALA D 1 8.73 0.81 -13.47
C ALA D 1 7.56 0.75 -14.46
N GLU D 2 7.05 -0.46 -14.68
CA GLU D 2 6.00 -0.71 -15.67
C GLU D 2 4.81 0.26 -15.60
N GLN D 3 4.27 0.47 -14.41
CA GLN D 3 3.12 1.36 -14.30
C GLN D 3 3.44 2.78 -14.78
N LYS D 4 4.69 3.19 -14.59
CA LYS D 4 5.11 4.55 -14.92
C LYS D 4 5.43 4.76 -16.40
N THR D 5 5.43 3.68 -17.18
CA THR D 5 5.58 3.78 -18.62
C THR D 5 4.19 3.80 -19.25
N ARG D 6 3.18 3.65 -18.41
CA ARG D 6 1.83 3.52 -18.90
C ARG D 6 1.21 4.87 -19.20
N GLN D 7 0.68 4.99 -20.40
CA GLN D 7 -0.13 6.14 -20.75
C GLN D 7 -1.50 5.98 -20.10
N LEU D 8 -2.07 7.11 -19.70
CA LEU D 8 -3.39 7.13 -19.10
C LEU D 8 -4.42 6.56 -20.07
N THR D 9 -5.30 5.72 -19.55
CA THR D 9 -6.50 5.31 -20.27
C THR D 9 -7.70 5.47 -19.34
N VAL D 10 -8.89 5.52 -19.94
CA VAL D 10 -10.13 5.45 -19.17
C VAL D 10 -10.89 4.22 -19.67
N PRO D 11 -11.84 3.71 -18.86
CA PRO D 11 -12.55 2.48 -19.23
C PRO D 11 -13.17 2.49 -20.62
N ASN D 12 -12.93 1.41 -21.37
CA ASN D 12 -13.57 1.21 -22.66
C ASN D 12 -14.95 0.56 -22.46
N ILE D 13 -15.83 1.33 -21.83
CA ILE D 13 -17.16 0.87 -21.45
C ILE D 13 -18.11 2.02 -21.70
N PRO D 14 -19.24 1.75 -22.37
CA PRO D 14 -20.18 2.85 -22.61
C PRO D 14 -20.82 3.34 -21.31
N LEU D 15 -21.24 4.61 -21.33
CA LEU D 15 -21.75 5.29 -20.15
C LEU D 15 -22.86 4.51 -19.45
N ASN D 16 -23.76 3.92 -20.23
CA ASN D 16 -24.89 3.21 -19.65
C ASN D 16 -24.54 1.87 -19.01
N ASN D 17 -23.29 1.45 -19.19
CA ASN D 17 -22.79 0.26 -18.49
C ASN D 17 -21.85 0.63 -17.34
N LEU D 18 -21.87 1.89 -16.94
CA LEU D 18 -21.06 2.36 -15.81
C LEU D 18 -21.92 2.61 -14.58
N ALA D 19 -21.40 2.26 -13.41
CA ALA D 19 -22.11 2.40 -12.16
C ALA D 19 -21.89 3.76 -11.48
N ASN D 20 -22.91 4.22 -10.78
CA ASN D 20 -22.78 5.36 -9.89
C ASN D 20 -21.81 5.02 -8.75
N SER D 21 -21.02 5.98 -8.33
CA SER D 21 -20.07 5.78 -7.24
C SER D 21 -20.61 6.21 -5.87
N ARG D 22 -21.85 6.71 -5.82
CA ARG D 22 -22.42 7.17 -4.56
C ARG D 22 -23.67 6.38 -4.15
N VAL D 23 -24.31 5.72 -5.11
CA VAL D 23 -25.41 4.81 -4.82
C VAL D 23 -25.27 3.57 -5.72
N PRO D 24 -25.80 2.42 -5.27
CA PRO D 24 -25.77 1.21 -6.09
C PRO D 24 -26.78 1.27 -7.23
N ALA D 25 -26.35 1.83 -8.35
CA ALA D 25 -27.23 2.13 -9.46
C ALA D 25 -26.38 2.39 -10.68
N MET D 26 -26.99 2.29 -11.86
CA MET D 26 -26.28 2.55 -13.09
C MET D 26 -26.47 4.00 -13.50
N ILE D 27 -25.49 4.53 -14.22
CA ILE D 27 -25.57 5.90 -14.69
C ILE D 27 -26.54 5.97 -15.87
N ASN D 28 -27.47 6.91 -15.84
CA ASN D 28 -28.34 7.03 -17.00
C ASN D 28 -28.31 8.39 -17.70
N LYS D 29 -27.47 9.30 -17.23
CA LYS D 29 -27.38 10.61 -17.84
C LYS D 29 -26.17 11.37 -17.24
N MET D 30 -25.61 12.28 -18.06
CA MET D 30 -24.68 13.29 -17.56
C MET D 30 -25.43 14.61 -17.45
N THR D 31 -25.00 15.48 -16.56
CA THR D 31 -25.55 16.83 -16.50
C THR D 31 -24.56 17.79 -15.91
N VAL D 32 -24.90 19.07 -15.95
CA VAL D 32 -24.13 20.10 -15.24
C VAL D 32 -25.05 20.70 -14.20
N SER D 33 -24.48 21.30 -13.17
CA SER D 33 -25.30 21.87 -12.10
C SER D 33 -25.94 23.16 -12.58
N THR D 34 -27.15 23.44 -12.11
CA THR D 34 -27.88 24.63 -12.53
C THR D 34 -27.06 25.88 -12.23
N ASP D 35 -26.48 25.92 -11.04
CA ASP D 35 -25.48 26.92 -10.71
C ASP D 35 -24.12 26.31 -11.02
N GLN D 36 -23.52 26.74 -12.12
CA GLN D 36 -22.28 26.13 -12.58
C GLN D 36 -21.08 26.51 -11.70
N ASN D 37 -21.32 27.36 -10.71
CA ASN D 37 -20.31 27.69 -9.71
C ASN D 37 -20.40 26.82 -8.46
N GLN D 38 -21.40 25.94 -8.42
CA GLN D 38 -21.64 25.12 -7.23
C GLN D 38 -20.47 24.22 -6.86
N VAL D 39 -20.08 24.27 -5.59
CA VAL D 39 -18.99 23.45 -5.07
C VAL D 39 -19.57 22.17 -4.47
N VAL D 40 -18.89 21.05 -4.71
CA VAL D 40 -19.28 19.78 -4.10
C VAL D 40 -18.11 19.19 -3.33
N GLN D 41 -18.42 18.28 -2.42
CA GLN D 41 -17.39 17.65 -1.60
C GLN D 41 -17.75 16.19 -1.31
N PHE D 42 -18.21 15.49 -2.35
CA PHE D 42 -18.57 14.08 -2.22
C PHE D 42 -17.41 13.31 -1.63
N GLN D 43 -17.71 12.31 -0.80
CA GLN D 43 -16.67 11.51 -0.16
C GLN D 43 -16.48 10.16 -0.85
N ASN D 44 -17.48 9.74 -1.62
CA ASN D 44 -17.37 8.57 -2.47
C ASN D 44 -17.19 8.99 -3.94
N GLY D 45 -16.68 8.08 -4.77
CA GLY D 45 -16.35 8.41 -6.14
C GLY D 45 -15.15 9.32 -6.28
N ARG D 46 -14.30 9.35 -5.25
CA ARG D 46 -13.14 10.25 -5.21
C ARG D 46 -11.84 9.44 -5.36
N CYS D 47 -11.09 9.76 -6.41
CA CYS D 47 -9.86 9.05 -6.72
C CYS D 47 -9.03 9.91 -7.67
N THR D 48 -7.74 10.04 -7.42
CA THR D 48 -6.87 10.77 -8.33
C THR D 48 -6.57 9.91 -9.56
N LEU D 49 -6.12 10.54 -10.63
CA LEU D 49 -5.84 9.81 -11.87
C LEU D 49 -4.73 8.79 -11.68
N GLU D 50 -3.87 9.01 -10.69
CA GLU D 50 -2.79 8.08 -10.40
C GLU D 50 -3.24 6.91 -9.53
N GLY D 51 -4.51 6.93 -9.14
CA GLY D 51 -5.09 5.80 -8.42
C GLY D 51 -5.07 5.91 -6.90
N GLN D 52 -5.00 7.13 -6.39
CA GLN D 52 -5.08 7.35 -4.96
C GLN D 52 -6.53 7.57 -4.54
N LEU D 53 -7.09 6.63 -3.77
CA LEU D 53 -8.45 6.75 -3.26
C LEU D 53 -8.53 7.87 -2.22
N LEU D 54 -9.63 8.62 -2.25
CA LEU D 54 -9.85 9.70 -1.29
C LEU D 54 -11.16 9.49 -0.54
N GLY D 55 -11.29 10.12 0.62
CA GLY D 55 -12.50 10.03 1.41
C GLY D 55 -12.81 8.58 1.81
N THR D 56 -14.07 8.18 1.60
CA THR D 56 -14.49 6.82 1.95
C THR D 56 -14.60 5.92 0.73
N THR D 57 -14.10 6.40 -0.41
CA THR D 57 -14.24 5.70 -1.68
C THR D 57 -13.69 4.28 -1.68
N PRO D 58 -14.54 3.28 -2.00
CA PRO D 58 -14.06 1.91 -2.14
C PRO D 58 -13.71 1.59 -3.58
N VAL D 59 -13.26 0.36 -3.84
CA VAL D 59 -12.86 -0.03 -5.19
C VAL D 59 -14.01 -0.59 -6.03
N SER D 60 -14.89 -1.38 -5.43
CA SER D 60 -15.93 -2.08 -6.18
C SER D 60 -17.28 -1.36 -6.12
N ALA D 61 -18.03 -1.44 -7.21
CA ALA D 61 -19.41 -0.93 -7.23
C ALA D 61 -20.28 -1.60 -6.19
N SER D 62 -19.92 -2.83 -5.78
CA SER D 62 -20.71 -3.53 -4.77
C SER D 62 -20.26 -3.24 -3.34
N GLN D 63 -19.39 -2.23 -3.18
CA GLN D 63 -19.10 -1.67 -1.87
C GLN D 63 -19.72 -0.28 -1.68
N VAL D 64 -20.32 0.25 -2.75
CA VAL D 64 -20.85 1.62 -2.71
C VAL D 64 -22.12 1.76 -1.89
N ALA D 65 -22.07 2.66 -0.90
CA ALA D 65 -23.21 2.98 -0.03
C ALA D 65 -23.69 1.75 0.75
N ARG D 66 -22.73 1.02 1.32
CA ARG D 66 -23.04 -0.10 2.20
C ARG D 66 -22.59 0.20 3.61
N ILE D 67 -23.19 -0.54 4.55
CA ILE D 67 -22.90 -0.37 5.95
C ILE D 67 -22.80 -1.73 6.61
N ARG D 68 -21.82 -1.89 7.50
CA ARG D 68 -21.72 -3.11 8.31
C ARG D 68 -21.37 -2.74 9.75
N GLY D 69 -21.93 -3.47 10.70
CA GLY D 69 -21.59 -3.25 12.09
C GLY D 69 -22.28 -4.23 13.02
N LYS D 70 -21.89 -4.19 14.29
CA LYS D 70 -22.50 -5.03 15.30
C LYS D 70 -23.60 -4.26 16.02
N VAL D 71 -24.78 -4.84 16.11
CA VAL D 71 -25.87 -4.16 16.78
C VAL D 71 -25.58 -4.00 18.27
N PHE D 72 -25.80 -2.80 18.78
CA PHE D 72 -25.95 -2.62 20.20
C PHE D 72 -27.38 -2.21 20.47
N SER D 73 -27.96 -2.77 21.53
CA SER D 73 -29.34 -2.47 21.87
C SER D 73 -29.44 -2.53 23.37
N THR D 74 -29.76 -1.39 23.98
CA THR D 74 -29.69 -1.23 25.41
C THR D 74 -30.90 -0.45 25.89
N ALA D 75 -30.94 -0.19 27.19
CA ALA D 75 -32.00 0.65 27.76
C ALA D 75 -31.94 2.05 27.17
N SER D 76 -30.74 2.45 26.76
CA SER D 76 -30.50 3.81 26.30
C SER D 76 -30.78 4.03 24.80
N GLY D 77 -30.52 3.02 23.97
CA GLY D 77 -30.73 3.16 22.54
C GLY D 77 -30.36 1.94 21.72
N LYS D 78 -30.59 1.99 20.40
CA LYS D 78 -30.11 0.98 19.47
C LYS D 78 -29.20 1.63 18.45
N GLY D 79 -28.22 0.88 17.97
CA GLY D 79 -27.38 1.37 16.91
C GLY D 79 -26.42 0.32 16.40
N LEU D 80 -25.46 0.76 15.57
CA LEU D 80 -24.40 -0.11 15.10
C LEU D 80 -23.05 0.39 15.57
N ASN D 81 -22.24 -0.53 16.09
CA ASN D 81 -20.83 -0.27 16.22
C ASN D 81 -20.19 -0.71 14.92
N LEU D 82 -19.81 0.28 14.11
CA LEU D 82 -19.42 0.05 12.73
C LEU D 82 -18.14 -0.74 12.58
N THR D 83 -18.10 -1.57 11.55
CA THR D 83 -16.87 -2.21 11.11
C THR D 83 -16.69 -1.88 9.62
N GLU D 84 -15.56 -2.30 9.05
CA GLU D 84 -15.41 -2.29 7.60
C GLU D 84 -16.36 -3.33 7.02
N LEU D 85 -16.60 -3.27 5.71
CA LEU D 85 -17.58 -4.12 5.06
C LEU D 85 -17.22 -5.60 5.06
N ASP D 86 -15.93 -5.89 5.28
CA ASP D 86 -15.49 -7.28 5.39
C ASP D 86 -15.51 -7.76 6.84
N GLY D 87 -16.02 -6.94 7.74
CA GLY D 87 -16.14 -7.31 9.14
C GLY D 87 -14.93 -6.98 10.00
N THR D 88 -13.84 -6.57 9.36
CA THR D 88 -12.62 -6.21 10.09
C THR D 88 -12.82 -4.87 10.79
N PRO D 89 -12.04 -4.59 11.84
CA PRO D 89 -12.30 -3.40 12.66
C PRO D 89 -12.19 -2.08 11.91
N TYR D 90 -13.08 -1.16 12.22
CA TYR D 90 -12.98 0.20 11.72
C TYR D 90 -12.20 1.02 12.71
N HIS D 91 -11.15 1.68 12.23
CA HIS D 91 -10.33 2.52 13.09
C HIS D 91 -10.66 3.99 12.88
N ALA D 92 -11.11 4.64 13.95
CA ALA D 92 -11.48 6.06 13.88
C ALA D 92 -10.25 6.96 13.75
N GLU D 94 -7.62 6.55 9.59
CA GLU D 94 -8.08 7.93 9.57
C GLU D 94 -8.83 8.24 8.27
N SER D 95 -10.14 8.04 8.31
CA SER D 95 -11.01 8.36 7.19
C SER D 95 -12.34 8.89 7.81
N PRO D 96 -13.22 9.46 6.97
CA PRO D 96 -14.46 9.97 7.58
C PRO D 96 -15.34 8.88 8.17
N ALA D 97 -15.26 7.67 7.63
CA ALA D 97 -16.15 6.58 7.97
C ALA D 97 -15.56 5.31 7.37
N PRO D 98 -16.17 4.14 7.63
CA PRO D 98 -15.69 2.94 6.94
C PRO D 98 -15.75 3.09 5.42
N LEU D 99 -14.88 2.39 4.70
CA LEU D 99 -14.92 2.47 3.25
C LEU D 99 -16.29 2.05 2.72
N GLY D 100 -16.80 2.83 1.77
CA GLY D 100 -18.08 2.55 1.15
C GLY D 100 -19.29 3.14 1.87
N PHE D 101 -19.07 3.64 3.08
CA PHE D 101 -20.15 4.22 3.88
C PHE D 101 -20.85 5.31 3.06
N PRO D 102 -22.19 5.36 3.09
CA PRO D 102 -22.91 6.34 2.27
C PRO D 102 -22.52 7.78 2.56
N ASP D 103 -22.59 8.65 1.55
CA ASP D 103 -22.23 10.05 1.72
C ASP D 103 -23.35 10.99 1.26
N ILE D 104 -24.59 10.52 1.35
CA ILE D 104 -25.75 11.33 0.99
C ILE D 104 -26.16 12.12 2.22
N GLY D 105 -25.84 13.41 2.25
CA GLY D 105 -25.97 14.18 3.47
C GLY D 105 -27.36 14.71 3.78
N ALA D 106 -27.54 15.09 5.04
CA ALA D 106 -28.71 15.86 5.47
C ALA D 106 -30.07 15.22 5.11
N CYS D 107 -30.22 13.94 5.44
CA CYS D 107 -31.47 13.22 5.21
C CYS D 107 -31.51 11.97 6.07
N ASP D 108 -32.71 11.40 6.23
CA ASP D 108 -32.83 10.09 6.86
C ASP D 108 -32.39 9.03 5.86
N TRP D 109 -31.71 7.99 6.35
CA TRP D 109 -31.37 6.84 5.54
C TRP D 109 -32.22 5.66 5.94
N HIS D 110 -32.50 4.79 4.98
CA HIS D 110 -33.20 3.54 5.26
C HIS D 110 -32.37 2.44 4.65
N VAL D 111 -31.77 1.64 5.52
CA VAL D 111 -30.71 0.72 5.15
C VAL D 111 -31.18 -0.72 5.38
N SER D 112 -31.13 -1.54 4.33
CA SER D 112 -31.62 -2.92 4.42
C SER D 112 -30.48 -3.89 4.69
N THR D 113 -30.49 -4.51 5.86
CA THR D 113 -29.38 -5.36 6.31
C THR D 113 -29.82 -6.79 6.59
N PHE D 114 -28.85 -7.71 6.57
CA PHE D 114 -29.09 -9.08 7.02
C PHE D 114 -28.03 -9.50 8.01
N LYS D 115 -28.35 -10.49 8.84
CA LYS D 115 -27.37 -11.01 9.79
C LYS D 115 -26.43 -11.95 9.08
N VAL D 116 -25.14 -11.65 9.16
CA VAL D 116 -24.14 -12.47 8.53
C VAL D 116 -23.91 -13.74 9.36
N SER D 121 -34.66 -19.45 10.31
CA SER D 121 -35.56 -19.30 9.19
C SER D 121 -36.26 -17.93 9.22
N GLY D 122 -37.22 -17.73 8.33
CA GLY D 122 -37.99 -16.49 8.31
C GLY D 122 -37.37 -15.35 7.52
N ASP D 123 -38.02 -14.18 7.59
CA ASP D 123 -37.56 -12.97 6.91
C ASP D 123 -36.23 -12.53 7.51
N PRO D 124 -35.17 -12.52 6.69
CA PRO D 124 -33.83 -12.21 7.20
C PRO D 124 -33.52 -10.72 7.21
N MET D 125 -34.35 -9.90 6.58
CA MET D 125 -34.02 -8.49 6.41
C MET D 125 -34.49 -7.61 7.56
N SER D 126 -33.64 -6.64 7.92
CA SER D 126 -34.05 -5.57 8.82
C SER D 126 -33.87 -4.25 8.07
N ARG D 127 -34.83 -3.35 8.20
CA ARG D 127 -34.63 -2.00 7.70
C ARG D 127 -34.21 -1.11 8.86
N LEU D 128 -32.99 -0.56 8.75
CA LEU D 128 -32.48 0.34 9.76
C LEU D 128 -32.79 1.76 9.34
N ASP D 129 -33.56 2.45 10.16
CA ASP D 129 -33.93 3.83 9.87
C ASP D 129 -33.01 4.76 10.67
N VAL D 130 -32.18 5.50 9.93
CA VAL D 130 -31.07 6.25 10.50
C VAL D 130 -31.24 7.75 10.29
N LYS D 131 -31.17 8.50 11.39
CA LYS D 131 -31.23 9.95 11.31
C LYS D 131 -29.83 10.56 11.40
N GLN D 132 -29.62 11.63 10.66
CA GLN D 132 -28.35 12.36 10.73
C GLN D 132 -28.41 13.47 11.79
N ASN D 133 -28.72 13.07 13.02
CA ASN D 133 -28.72 13.99 14.15
C ASN D 133 -27.55 13.70 15.09
N ALA D 134 -27.66 14.07 16.37
CA ALA D 134 -26.50 14.03 17.26
C ALA D 134 -25.76 12.68 17.40
N PRO D 135 -26.50 11.57 17.57
CA PRO D 135 -25.81 10.27 17.67
C PRO D 135 -25.27 9.73 16.33
N PHE D 136 -25.44 10.47 15.25
CA PHE D 136 -24.85 10.09 13.97
C PHE D 136 -23.38 10.48 13.99
N ALA D 137 -22.52 9.55 14.37
CA ALA D 137 -21.10 9.83 14.53
C ALA D 137 -20.23 8.76 13.89
N PRO D 138 -20.40 8.53 12.58
CA PRO D 138 -19.68 7.44 11.94
C PRO D 138 -18.15 7.58 12.04
N HIS D 139 -17.65 8.81 12.12
CA HIS D 139 -16.21 8.98 12.25
C HIS D 139 -15.71 8.37 13.56
N LEU D 140 -16.55 8.42 14.58
CA LEU D 140 -16.21 7.88 15.89
C LEU D 140 -16.58 6.41 16.02
N GLY D 141 -17.22 5.88 14.97
CA GLY D 141 -17.46 4.45 14.89
C GLY D 141 -18.85 3.95 15.21
N SER D 142 -19.82 4.85 15.38
CA SER D 142 -21.17 4.39 15.65
C SER D 142 -22.25 5.29 15.08
N ILE D 143 -23.39 4.68 14.76
CA ILE D 143 -24.59 5.42 14.39
C ILE D 143 -25.76 4.78 15.13
N GLU D 144 -26.83 5.54 15.32
CA GLU D 144 -28.02 4.95 15.93
C GLU D 144 -29.09 4.71 14.88
N PHE D 145 -30.03 3.81 15.19
CA PHE D 145 -31.15 3.56 14.31
C PHE D 145 -32.41 3.20 15.08
N THR D 146 -33.55 3.34 14.42
CA THR D 146 -34.77 2.69 14.85
C THR D 146 -35.11 1.65 13.79
N SER D 147 -35.87 0.64 14.18
CA SER D 147 -36.28 -0.39 13.24
C SER D 147 -37.54 -1.07 13.71
N ASP D 148 -38.40 -1.44 12.77
CA ASP D 148 -39.59 -2.21 13.10
C ASP D 148 -39.27 -3.69 13.18
N GLN D 149 -38.06 -4.05 12.78
CA GLN D 149 -37.62 -5.43 12.90
C GLN D 149 -36.73 -5.57 14.13
N ASP D 150 -36.12 -6.74 14.31
CA ASP D 150 -35.29 -7.00 15.48
C ASP D 150 -33.87 -7.46 15.12
N PRO D 151 -33.08 -6.60 14.43
CA PRO D 151 -31.71 -6.97 14.09
C PRO D 151 -30.81 -7.19 15.30
N THR D 152 -30.01 -8.26 15.26
CA THR D 152 -29.01 -8.52 16.28
C THR D 152 -27.67 -8.85 15.62
N GLY D 153 -26.59 -8.76 16.40
CA GLY D 153 -25.28 -9.18 15.92
C GLY D 153 -24.72 -8.43 14.73
N ASP D 154 -24.02 -9.16 13.88
CA ASP D 154 -23.27 -8.61 12.75
C ASP D 154 -24.20 -8.40 11.57
N GLN D 155 -24.55 -7.14 11.30
CA GLN D 155 -25.48 -6.79 10.23
C GLN D 155 -24.75 -6.14 9.05
N LEU D 156 -25.03 -6.61 7.85
CA LEU D 156 -24.44 -6.06 6.63
C LEU D 156 -25.56 -5.67 5.67
N GLY D 157 -25.48 -4.47 5.11
CA GLY D 157 -26.54 -4.06 4.22
C GLY D 157 -26.24 -2.88 3.33
N THR D 158 -27.28 -2.41 2.65
CA THR D 158 -27.13 -1.43 1.59
C THR D 158 -28.17 -0.34 1.77
N LEU D 159 -27.77 0.90 1.51
CA LEU D 159 -28.72 2.01 1.50
C LEU D 159 -29.82 1.70 0.49
N ALA D 160 -31.07 1.72 0.95
CA ALA D 160 -32.21 1.37 0.12
C ALA D 160 -32.95 2.60 -0.41
N TRP D 161 -33.15 3.58 0.46
CA TRP D 161 -33.80 4.84 0.07
C TRP D 161 -33.53 5.91 1.10
N VAL D 162 -33.85 7.16 0.75
CA VAL D 162 -33.64 8.28 1.66
C VAL D 162 -34.88 9.15 1.70
N SER D 163 -35.03 9.90 2.80
CA SER D 163 -36.21 10.72 3.02
C SER D 163 -35.82 11.96 3.84
N PRO D 164 -36.71 12.97 3.92
CA PRO D 164 -36.35 14.21 4.64
C PRO D 164 -36.04 13.99 6.13
N SER D 165 -35.11 14.79 6.65
CA SER D 165 -34.74 14.73 8.06
C SER D 165 -35.86 15.19 8.96
N THR D 166 -36.60 16.18 8.52
CA THR D 166 -37.73 16.71 9.26
C THR D 166 -38.90 16.87 8.32
N SER D 167 -40.13 16.92 8.89
CA SER D 167 -41.36 17.01 8.11
C SER D 167 -41.33 18.23 7.19
N GLY D 168 -41.47 18.07 5.88
CA GLY D 168 -41.49 19.14 4.91
C GLY D 168 -40.13 19.54 4.38
N ALA D 169 -39.07 18.96 4.92
CA ALA D 169 -37.73 19.25 4.42
C ALA D 169 -37.54 18.63 3.04
N ARG D 170 -36.60 19.17 2.27
CA ARG D 170 -36.26 18.60 0.98
C ARG D 170 -35.05 17.71 1.22
N VAL D 171 -34.85 16.72 0.36
CA VAL D 171 -33.61 15.98 0.34
C VAL D 171 -32.77 16.54 -0.80
N ASP D 172 -31.55 16.96 -0.46
CA ASP D 172 -30.61 17.45 -1.45
C ASP D 172 -29.43 16.47 -1.50
N PRO D 173 -29.40 15.60 -2.51
CA PRO D 173 -28.35 14.58 -2.58
C PRO D 173 -26.98 15.14 -3.00
N TRP D 174 -26.89 16.44 -3.21
CA TRP D 174 -25.61 17.08 -3.52
C TRP D 174 -24.85 17.41 -2.24
N LYS D 175 -25.49 17.19 -1.10
CA LYS D 175 -24.88 17.43 0.20
C LYS D 175 -24.18 16.16 0.72
N ILE D 176 -23.24 16.36 1.64
CA ILE D 176 -22.58 15.25 2.31
C ILE D 176 -22.88 15.30 3.81
N PRO D 177 -22.66 14.17 4.52
CA PRO D 177 -22.92 14.15 5.96
C PRO D 177 -21.91 14.97 6.75
N SER D 178 -22.27 15.23 8.00
CA SER D 178 -21.35 15.67 9.02
C SER D 178 -20.95 14.40 9.78
N TYR D 179 -19.71 13.96 9.58
CA TYR D 179 -19.29 12.65 10.07
C TYR D 179 -18.91 12.61 11.56
N GLY D 180 -18.61 13.77 12.11
CA GLY D 180 -18.15 13.85 13.50
C GLY D 180 -19.22 14.32 14.45
N THR D 187 -12.49 15.41 10.37
CA THR D 187 -12.82 14.03 10.04
C THR D 187 -12.13 13.51 8.77
N HIS D 188 -11.07 14.17 8.32
CA HIS D 188 -10.25 13.70 7.20
C HIS D 188 -10.97 13.59 5.85
N LEU D 189 -11.75 14.61 5.52
CA LEU D 189 -12.54 14.63 4.31
C LEU D 189 -11.70 14.77 3.03
N ALA D 190 -12.16 14.12 1.96
CA ALA D 190 -11.68 14.46 0.63
C ALA D 190 -12.04 15.93 0.42
N PRO D 191 -11.16 16.69 -0.25
CA PRO D 191 -11.34 18.14 -0.32
C PRO D 191 -12.48 18.55 -1.27
N PRO D 192 -12.94 19.80 -1.18
CA PRO D 192 -13.98 20.22 -2.13
C PRO D 192 -13.48 20.23 -3.56
N ILE D 193 -14.40 20.09 -4.50
CA ILE D 193 -14.10 20.26 -5.90
C ILE D 193 -14.67 21.59 -6.36
N PHE D 194 -13.79 22.50 -6.77
CA PHE D 194 -14.22 23.80 -7.30
C PHE D 194 -14.20 23.76 -8.83
N PRO D 195 -15.26 24.30 -9.46
CA PRO D 195 -15.20 24.47 -10.91
C PRO D 195 -13.96 25.25 -11.32
N PRO D 196 -13.11 24.68 -12.19
CA PRO D 196 -11.79 25.22 -12.53
C PRO D 196 -11.80 25.84 -13.93
N PHE D 198 -13.57 30.24 -16.09
CA PHE D 198 -13.47 30.35 -17.54
C PHE D 198 -14.39 29.32 -18.23
N GLY D 199 -15.66 29.38 -17.91
CA GLY D 199 -16.67 28.67 -18.66
C GLY D 199 -16.75 27.15 -18.52
N GLU D 200 -15.88 26.54 -17.71
CA GLU D 200 -15.98 25.09 -17.52
C GLU D 200 -16.97 24.71 -16.43
N ALA D 201 -17.72 23.65 -16.68
CA ALA D 201 -18.69 23.13 -15.74
C ALA D 201 -18.36 21.69 -15.41
N ILE D 202 -18.39 21.36 -14.11
CA ILE D 202 -18.16 19.98 -13.68
C ILE D 202 -19.25 19.08 -14.24
N VAL D 203 -18.85 17.92 -14.74
CA VAL D 203 -19.81 16.95 -15.24
C VAL D 203 -20.26 16.02 -14.11
N TYR D 204 -21.58 15.91 -13.94
CA TYR D 204 -22.16 15.02 -12.94
C TYR D 204 -22.84 13.83 -13.59
N PHE D 205 -22.54 12.64 -13.09
CA PHE D 205 -23.10 11.40 -13.61
C PHE D 205 -24.27 11.00 -12.73
N MET D 206 -25.45 10.92 -13.32
CA MET D 206 -26.70 10.83 -12.56
C MET D 206 -27.30 9.44 -12.60
N SER D 207 -27.89 9.02 -11.49
CA SER D 207 -28.62 7.75 -11.43
C SER D 207 -29.98 7.95 -10.78
N ASP D 208 -30.98 7.24 -11.29
CA ASP D 208 -32.24 7.09 -10.57
C ASP D 208 -32.04 6.40 -9.25
N PHE D 209 -32.69 6.91 -8.22
CA PHE D 209 -32.60 6.31 -6.89
C PHE D 209 -33.81 6.78 -6.09
N PRO D 210 -34.34 5.91 -5.21
CA PRO D 210 -35.55 6.35 -4.49
C PRO D 210 -35.25 7.41 -3.44
N ILE D 211 -35.48 8.66 -3.83
CA ILE D 211 -35.35 9.80 -2.95
C ILE D 211 -36.75 10.35 -2.74
N VAL D 212 -37.22 10.28 -1.51
CA VAL D 212 -38.57 10.73 -1.24
C VAL D 212 -38.52 12.19 -0.89
N SER D 213 -39.07 13.03 -1.74
CA SER D 213 -38.90 14.47 -1.62
C SER D 213 -39.64 15.18 -2.75
N ASN D 215 -39.60 16.59 -6.77
CA ASN D 215 -39.20 16.06 -8.07
C ASN D 215 -37.74 15.59 -8.10
N THR D 216 -37.11 15.57 -6.93
CA THR D 216 -35.72 15.13 -6.83
C THR D 216 -35.66 13.61 -6.97
N ALA D 217 -35.12 13.14 -8.09
CA ALA D 217 -35.17 11.71 -8.38
C ALA D 217 -33.81 11.10 -8.65
N GLN D 218 -32.78 11.93 -8.70
CA GLN D 218 -31.47 11.45 -9.13
C GLN D 218 -30.29 11.82 -8.23
N VAL D 219 -29.35 10.89 -8.11
CA VAL D 219 -28.15 11.10 -7.31
C VAL D 219 -26.96 11.36 -8.24
N PRO D 220 -26.25 12.48 -8.02
CA PRO D 220 -25.06 12.80 -8.82
C PRO D 220 -23.79 12.17 -8.25
N CYS D 221 -22.83 11.91 -9.12
CA CYS D 221 -21.47 11.59 -8.69
C CYS D 221 -20.48 12.19 -9.69
N THR D 222 -19.22 12.30 -9.29
CA THR D 222 -18.22 12.98 -10.12
C THR D 222 -17.31 12.03 -10.92
N LEU D 223 -17.29 10.76 -10.53
CA LEU D 223 -16.63 9.73 -11.34
C LEU D 223 -17.47 8.47 -11.33
N PRO D 224 -17.65 7.85 -12.50
CA PRO D 224 -18.27 6.52 -12.50
C PRO D 224 -17.39 5.56 -11.69
N GLN D 225 -18.00 4.59 -11.03
CA GLN D 225 -17.25 3.71 -10.15
C GLN D 225 -16.17 2.95 -10.89
N GLU D 226 -16.47 2.50 -12.11
CA GLU D 226 -15.48 1.76 -12.87
C GLU D 226 -14.27 2.62 -13.26
N PHE D 227 -14.44 3.95 -13.30
CA PHE D 227 -13.30 4.85 -13.51
C PHE D 227 -12.37 4.77 -12.31
N VAL D 228 -12.97 4.75 -11.12
CA VAL D 228 -12.20 4.65 -9.88
C VAL D 228 -11.37 3.37 -9.84
N SER D 229 -11.97 2.22 -10.09
CA SER D 229 -11.20 0.98 -10.04
C SER D 229 -10.17 0.92 -11.16
N HIS D 230 -10.49 1.51 -12.31
CA HIS D 230 -9.55 1.59 -13.41
C HIS D 230 -8.28 2.34 -12.99
N PHE D 231 -8.45 3.50 -12.36
CA PHE D 231 -7.30 4.30 -11.95
C PHE D 231 -6.49 3.59 -10.87
N VAL D 232 -7.20 2.96 -9.92
CA VAL D 232 -6.55 2.21 -8.85
C VAL D 232 -5.73 1.06 -9.43
N GLU D 233 -6.31 0.38 -10.41
CA GLU D 233 -5.69 -0.79 -11.03
C GLU D 233 -4.45 -0.40 -11.86
N GLN D 234 -4.56 0.71 -12.59
CA GLN D 234 -3.53 1.12 -13.55
C GLN D 234 -2.35 1.87 -12.93
N GLN D 235 -2.64 2.76 -11.98
CA GLN D 235 -1.62 3.60 -11.36
C GLN D 235 -0.80 4.34 -12.41
N ALA D 236 -1.47 4.89 -13.43
CA ALA D 236 -0.77 5.60 -14.49
C ALA D 236 -0.29 6.96 -13.99
N PRO D 237 0.92 7.35 -14.40
CA PRO D 237 1.44 8.65 -13.97
C PRO D 237 0.73 9.82 -14.65
N VAL D 238 0.63 10.92 -13.94
CA VAL D 238 0.08 12.14 -14.50
C VAL D 238 1.17 12.85 -15.28
N ARG D 239 0.92 13.11 -16.56
CA ARG D 239 1.95 13.67 -17.45
C ARG D 239 1.61 15.05 -17.95
N GLY D 240 0.54 15.64 -17.43
CA GLY D 240 0.13 16.95 -17.86
C GLY D 240 -0.86 17.55 -16.88
N GLU D 241 -1.29 18.77 -17.16
CA GLU D 241 -2.16 19.48 -16.25
C GLU D 241 -3.60 18.99 -16.32
N ALA D 242 -3.98 18.44 -17.47
CA ALA D 242 -5.32 17.90 -17.65
C ALA D 242 -5.32 16.92 -18.83
N ALA D 243 -6.22 15.96 -18.79
CA ALA D 243 -6.34 14.99 -19.88
C ALA D 243 -7.56 15.30 -20.71
N LEU D 244 -7.36 15.51 -22.01
CA LEU D 244 -8.47 15.71 -22.93
C LEU D 244 -9.07 14.35 -23.29
N LEU D 245 -10.37 14.21 -23.06
CA LEU D 245 -11.10 13.01 -23.44
C LEU D 245 -12.05 13.32 -24.57
N HIS D 246 -12.29 12.32 -25.42
CA HIS D 246 -13.39 12.39 -26.36
C HIS D 246 -14.46 11.41 -25.92
N TYR D 247 -15.72 11.81 -26.08
CA TYR D 247 -16.85 10.92 -25.83
C TYR D 247 -17.31 10.42 -27.19
N VAL D 248 -17.08 9.15 -27.47
CA VAL D 248 -17.16 8.62 -28.83
C VAL D 248 -18.34 7.64 -29.01
N ASP D 249 -19.00 7.73 -30.15
CA ASP D 249 -20.00 6.73 -30.52
C ASP D 249 -19.26 5.46 -30.90
N PRO D 250 -19.53 4.36 -30.20
CA PRO D 250 -18.73 3.15 -30.41
C PRO D 250 -19.00 2.43 -31.72
N ASP D 251 -20.03 2.84 -32.46
CA ASP D 251 -20.36 2.22 -33.74
C ASP D 251 -19.88 3.03 -34.93
N THR D 252 -20.15 4.33 -34.91
CA THR D 252 -19.77 5.21 -36.00
C THR D 252 -18.37 5.76 -35.79
N HIS D 253 -17.89 5.66 -34.55
CA HIS D 253 -16.58 6.18 -34.13
C HIS D 253 -16.49 7.70 -34.17
N ARG D 254 -17.65 8.35 -34.28
CA ARG D 254 -17.72 9.81 -34.29
C ARG D 254 -17.46 10.36 -32.90
N ASN D 255 -16.69 11.47 -32.83
CA ASN D 255 -16.53 12.17 -31.57
C ASN D 255 -17.73 13.07 -31.29
N LEU D 256 -18.39 12.82 -30.17
CA LEU D 256 -19.60 13.53 -29.82
C LEU D 256 -19.37 14.70 -28.87
N GLY D 257 -18.17 14.78 -28.29
CA GLY D 257 -17.87 15.85 -27.36
C GLY D 257 -16.51 15.78 -26.70
N GLU D 258 -15.96 16.96 -26.40
CA GLU D 258 -14.68 17.10 -25.69
C GLU D 258 -14.90 17.30 -24.20
N PHE D 259 -14.14 16.57 -23.39
CA PHE D 259 -14.20 16.70 -21.94
C PHE D 259 -12.78 16.80 -21.38
N LYS D 260 -12.63 17.44 -20.22
CA LYS D 260 -11.35 17.46 -19.54
C LYS D 260 -11.37 16.67 -18.25
N LEU D 261 -10.42 15.76 -18.11
CA LEU D 261 -10.25 14.96 -16.92
C LEU D 261 -9.07 15.52 -16.10
N TYR D 262 -9.36 15.99 -14.89
CA TYR D 262 -8.33 16.62 -14.06
C TYR D 262 -7.65 15.61 -13.14
N PRO D 263 -6.36 15.83 -12.85
CA PRO D 263 -5.57 14.92 -11.99
C PRO D 263 -6.23 14.61 -10.65
N ASP D 264 -6.92 15.59 -10.06
CA ASP D 264 -7.59 15.37 -8.78
C ASP D 264 -8.80 14.46 -8.89
N GLY D 265 -9.19 14.10 -10.12
CA GLY D 265 -10.20 13.08 -10.34
C GLY D 265 -11.62 13.58 -10.51
N PHE D 266 -11.81 14.49 -11.46
CA PHE D 266 -13.15 14.91 -11.84
C PHE D 266 -13.12 15.38 -13.29
N ILE D 267 -14.29 15.55 -13.88
CA ILE D 267 -14.40 15.81 -15.30
C ILE D 267 -15.19 17.10 -15.54
N THR D 268 -14.76 17.89 -16.51
CA THR D 268 -15.50 19.09 -16.89
C THR D 268 -15.80 19.11 -18.38
N CYS D 269 -16.74 19.97 -18.74
CA CYS D 269 -17.03 20.27 -20.13
C CYS D 269 -17.33 21.77 -20.22
N VAL D 270 -17.52 22.26 -21.44
CA VAL D 270 -18.05 23.60 -21.63
C VAL D 270 -19.42 23.37 -22.25
N PRO D 271 -20.48 23.58 -21.47
CA PRO D 271 -21.80 23.31 -22.04
C PRO D 271 -22.21 24.38 -23.06
N ASN D 272 -22.81 23.97 -24.16
CA ASN D 272 -23.40 24.93 -25.08
C ASN D 272 -24.49 25.70 -24.35
N THR D 273 -24.69 26.94 -24.78
CA THR D 273 -25.70 27.76 -24.14
C THR D 273 -27.07 27.12 -24.32
N GLY D 274 -27.81 27.00 -23.23
CA GLY D 274 -29.12 26.38 -23.24
C GLY D 274 -29.07 24.86 -23.30
N GLY D 275 -27.86 24.30 -23.24
CA GLY D 275 -27.70 22.86 -23.37
C GLY D 275 -26.62 22.28 -22.47
N GLY D 276 -25.98 21.23 -22.96
CA GLY D 276 -24.93 20.58 -22.18
C GLY D 276 -24.92 19.09 -22.40
N PRO D 277 -24.11 18.36 -21.61
CA PRO D 277 -23.91 16.93 -21.85
C PRO D 277 -25.19 16.12 -21.59
N GLN D 278 -26.18 16.75 -20.96
CA GLN D 278 -27.47 16.11 -20.75
C GLN D 278 -28.19 15.79 -22.07
N ASN D 279 -27.73 16.43 -23.14
CA ASN D 279 -28.32 16.22 -24.46
C ASN D 279 -27.64 15.12 -25.28
N LEU D 280 -26.53 14.58 -24.75
CA LEU D 280 -25.80 13.53 -25.46
C LEU D 280 -26.45 12.16 -25.27
N PRO D 281 -26.25 11.26 -26.24
CA PRO D 281 -26.70 9.89 -26.03
C PRO D 281 -25.89 9.27 -24.89
N THR D 282 -26.41 8.23 -24.26
CA THR D 282 -25.77 7.64 -23.09
C THR D 282 -25.06 6.32 -23.40
N ASN D 283 -24.85 6.04 -24.68
CA ASN D 283 -24.18 4.81 -25.08
C ASN D 283 -22.77 5.08 -25.61
N GLY D 284 -22.27 6.28 -25.35
CA GLY D 284 -20.94 6.66 -25.79
C GLY D 284 -19.84 6.17 -24.87
N VAL D 285 -18.62 6.13 -25.38
CA VAL D 285 -17.46 5.70 -24.61
C VAL D 285 -16.45 6.84 -24.49
N PHE D 286 -15.98 7.11 -23.27
CA PHE D 286 -14.89 8.05 -23.09
C PHE D 286 -13.56 7.43 -23.53
N VAL D 287 -12.75 8.22 -24.22
CA VAL D 287 -11.46 7.77 -24.73
C VAL D 287 -10.42 8.86 -24.50
N PHE D 288 -9.29 8.49 -23.91
CA PHE D 288 -8.18 9.42 -23.75
C PHE D 288 -7.67 9.90 -25.10
N SER D 289 -7.48 11.21 -25.22
CA SER D 289 -6.98 11.80 -26.46
C SER D 289 -5.54 12.27 -26.31
N SER D 290 -5.31 13.19 -25.39
CA SER D 290 -3.97 13.71 -25.15
C SER D 290 -3.93 14.49 -23.84
N TRP D 291 -2.71 14.74 -23.36
CA TRP D 291 -2.50 15.66 -22.25
C TRP D 291 -2.52 17.09 -22.77
N VAL D 292 -3.19 17.97 -22.03
CA VAL D 292 -3.33 19.36 -22.45
C VAL D 292 -3.09 20.35 -21.30
N SER D 293 -2.99 21.62 -21.63
CA SER D 293 -2.81 22.68 -20.63
C SER D 293 -4.06 22.75 -19.74
N ARG D 294 -3.86 23.17 -18.50
CA ARG D 294 -5.00 23.28 -17.60
C ARG D 294 -6.03 24.25 -18.16
N TYR D 295 -5.60 25.20 -19.00
CA TYR D 295 -6.54 26.18 -19.56
C TYR D 295 -6.85 25.92 -21.03
N TYR D 296 -6.61 24.71 -21.49
CA TYR D 296 -7.08 24.29 -22.80
C TYR D 296 -8.57 24.58 -22.89
N GLN D 297 -8.97 25.23 -23.98
CA GLN D 297 -10.37 25.62 -24.16
C GLN D 297 -11.13 24.52 -24.89
N LEU D 298 -12.17 23.99 -24.24
CA LEU D 298 -12.95 22.92 -24.83
C LEU D 298 -13.98 23.42 -25.83
N LYS D 299 -14.25 22.59 -26.83
CA LYS D 299 -15.36 22.83 -27.73
C LYS D 299 -16.67 22.64 -26.97
N PRO D 300 -17.57 23.63 -27.03
CA PRO D 300 -18.85 23.51 -26.33
C PRO D 300 -19.65 22.28 -26.75
N VAL D 301 -20.33 21.67 -25.79
CA VAL D 301 -20.97 20.38 -26.02
C VAL D 301 -22.48 20.45 -25.76
N GLY D 302 -23.23 19.65 -26.52
CA GLY D 302 -24.66 19.48 -26.27
C GLY D 302 -25.52 20.68 -26.57
C1 NAG E . 45.15 22.08 -4.27
C2 NAG E . 44.93 20.96 -5.28
C3 NAG E . 43.95 19.94 -4.72
C4 NAG E . 44.45 19.47 -3.36
C5 NAG E . 44.70 20.66 -2.46
C6 NAG E . 45.20 20.17 -1.10
C7 NAG E . 45.02 21.42 -7.69
C8 NAG E . 44.31 22.07 -8.88
N2 NAG E . 44.38 21.53 -6.53
O1 NAG E . 46.08 23.03 -4.80
O3 NAG E . 43.85 18.83 -5.61
O4 NAG E . 43.46 18.61 -2.77
O5 NAG E . 45.68 21.52 -3.06
O6 NAG E . 46.44 19.49 -1.26
O7 NAG E . 46.10 20.85 -7.84
C1 GAL E . 44.07 17.39 -2.35
C2 GAL E . 43.15 16.66 -1.38
C3 GAL E . 43.80 15.36 -0.94
C4 GAL E . 44.18 14.54 -2.17
C5 GAL E . 45.04 15.38 -3.08
C6 GAL E . 45.42 14.57 -4.33
O2 GAL E . 42.91 17.49 -0.23
O3 GAL E . 42.87 14.61 -0.14
O4 GAL E . 42.99 14.14 -2.87
O5 GAL E . 44.32 16.55 -3.49
O6 GAL E . 46.49 15.21 -5.01
C1 FUC E . 41.51 17.48 0.07
C2 FUC E . 41.29 18.04 1.47
C3 FUC E . 41.81 19.48 1.52
C4 FUC E . 41.15 20.28 0.42
C5 FUC E . 41.38 19.60 -0.91
C6 FUC E . 40.71 20.41 -2.03
O2 FUC E . 42.01 17.24 2.43
O3 FUC E . 41.48 20.05 2.80
O4 FUC E . 39.75 20.40 0.67
O5 FUC E . 40.80 18.28 -0.88
C1 FUC E . 42.66 18.94 -6.40
C2 FUC E . 42.74 18.01 -7.59
C3 FUC E . 42.89 16.58 -7.12
C4 FUC E . 41.75 16.25 -6.15
C5 FUC E . 41.72 17.29 -5.04
C6 FUC E . 40.57 16.96 -4.07
O2 FUC E . 43.89 18.37 -8.39
O3 FUC E . 42.83 15.69 -8.24
O4 FUC E . 40.51 16.28 -6.86
O5 FUC E . 41.52 18.59 -5.60
C1 NAG F . 29.72 33.32 17.30
C2 NAG F . 29.03 32.70 18.51
C3 NAG F . 28.41 31.37 18.11
C4 NAG F . 27.51 31.57 16.90
C5 NAG F . 28.28 32.25 15.79
C6 NAG F . 27.36 32.46 14.58
C7 NAG F . 29.97 33.16 20.73
C8 NAG F . 31.07 32.81 21.73
N2 NAG F . 30.01 32.49 19.58
O1 NAG F . 30.29 34.58 17.67
O3 NAG F . 27.65 30.85 19.20
O4 NAG F . 27.02 30.29 16.45
O5 NAG F . 28.76 33.53 16.25
O6 NAG F . 26.38 33.47 14.89
O7 NAG F . 29.11 34.02 20.99
C1 GAL F . 25.62 30.38 16.19
C2 GAL F . 25.20 29.21 15.31
C3 GAL F . 23.70 29.28 15.05
C4 GAL F . 22.96 29.36 16.37
C5 GAL F . 23.51 30.52 17.18
C6 GAL F . 22.76 30.59 18.52
O2 GAL F . 25.91 29.27 14.07
O3 GAL F . 23.28 28.11 14.33
O4 GAL F . 23.14 28.14 17.09
O5 GAL F . 24.90 30.31 17.43
O6 GAL F . 23.06 31.83 19.17
C1 FUC F . 26.42 27.96 13.74
C2 FUC F . 26.79 27.93 12.27
C3 FUC F . 27.88 28.96 11.99
C4 FUC F . 29.04 28.75 12.94
C5 FUC F . 28.54 28.74 14.37
C6 FUC F . 29.71 28.53 15.32
O2 FUC F . 25.64 28.20 11.46
O3 FUC F . 28.33 28.83 10.63
O4 FUC F . 29.67 27.49 12.65
O5 FUC F . 27.58 27.69 14.54
C1 FUC F . 28.44 29.91 19.94
C2 FUC F . 27.86 29.73 21.33
C3 FUC F . 26.44 29.20 21.22
C4 FUC F . 26.43 27.94 20.37
C5 FUC F . 27.10 28.22 19.04
C6 FUC F . 27.09 26.95 18.19
O2 FUC F . 27.84 30.99 22.01
O3 FUC F . 25.93 28.91 22.53
O4 FUC F . 27.15 26.90 21.06
O5 FUC F . 28.45 28.65 19.25
C1 NAG G . -44.63 -18.92 8.14
C2 NAG G . -43.49 -19.91 7.87
C3 NAG G . -42.52 -19.30 6.89
C4 NAG G . -43.26 -18.87 5.63
C5 NAG G . -44.41 -17.95 6.02
C6 NAG G . -45.17 -17.52 4.75
C7 NAG G . -42.78 -21.42 9.68
C8 NAG G . -42.01 -21.54 11.00
N2 NAG G . -42.80 -20.19 9.14
O1 NAG G . -45.55 -19.50 9.06
O3 NAG G . -41.52 -20.28 6.54
O4 NAG G . -42.37 -18.18 4.76
O5 NAG G . -45.30 -18.64 6.90
O6 NAG G . -45.83 -18.66 4.19
O7 NAG G . -43.33 -22.40 9.19
C1 GAL G . -42.45 -18.74 3.44
C2 GAL G . -41.83 -17.79 2.43
C3 GAL G . -41.91 -18.38 1.04
C4 GAL G . -41.28 -19.77 1.05
C5 GAL G . -41.93 -20.62 2.13
C6 GAL G . -41.29 -22.00 2.14
O2 GAL G . -42.54 -16.54 2.47
O3 GAL G . -41.20 -17.54 0.11
O4 GAL G . -39.87 -19.66 1.31
O5 GAL G . -41.75 -19.99 3.41
O6 GAL G . -42.08 -22.89 2.94
C1 FUC G . -41.60 -15.46 2.52
C2 FUC G . -42.30 -14.16 2.12
C3 FUC G . -43.44 -13.88 3.08
C4 FUC G . -42.92 -13.89 4.51
C5 FUC G . -42.18 -15.20 4.77
C6 FUC G . -41.66 -15.21 6.21
O2 FUC G . -42.81 -14.28 0.78
O3 FUC G . -44.01 -12.60 2.79
O4 FUC G . -42.01 -12.79 4.70
O5 FUC G . -41.09 -15.33 3.85
C1 FUC G . -40.34 -20.05 7.32
C2 FUC G . -39.45 -21.28 7.24
C3 FUC G . -39.04 -21.53 5.79
C4 FUC G . -38.42 -20.27 5.22
C5 FUC G . -39.37 -19.10 5.40
C6 FUC G . -38.75 -17.82 4.83
O2 FUC G . -40.16 -22.43 7.74
O3 FUC G . -38.10 -22.60 5.73
O4 FUC G . -37.19 -19.99 5.89
O5 FUC G . -39.63 -18.92 6.81
C1 NAG H . -46.34 9.55 8.93
C2 NAG H . -45.81 10.72 8.12
C3 NAG H . -44.54 10.31 7.38
C4 NAG H . -43.55 9.75 8.39
C5 NAG H . -44.19 8.63 9.19
C6 NAG H . -43.19 8.08 10.20
C7 NAG H . -47.89 11.88 7.48
C8 NAG H . -48.85 12.21 6.33
N2 NAG H . -46.83 11.13 7.13
O1 NAG H . -47.53 9.94 9.62
O3 NAG H . -43.98 11.45 6.74
O4 NAG H . -42.40 9.24 7.69
O5 NAG H . -45.34 9.15 9.88
O6 NAG H . -42.86 9.09 11.14
O7 NAG H . -48.11 12.28 8.62
C1 GAL H . -41.21 9.81 8.24
C2 GAL H . -40.02 8.95 7.84
C3 GAL H . -38.75 9.56 8.42
C4 GAL H . -38.64 11.01 7.99
C5 GAL H . -39.91 11.74 8.37
C6 GAL H . -39.80 13.21 7.93
O2 GAL H . -40.19 7.62 8.36
O3 GAL H . -37.61 8.82 7.94
O4 GAL H . -38.45 11.07 6.57
O5 GAL H . -41.03 11.13 7.73
O6 GAL H . -40.82 13.98 8.57
C1 FUC H . -39.83 6.67 7.35
C2 FUC H . -39.58 5.31 8.01
C3 FUC H . -40.84 4.84 8.72
C4 FUC H . -42.01 4.86 7.73
C5 FUC H . -42.12 6.24 7.10
C6 FUC H . -43.28 6.24 6.10
O2 FUC H . -38.51 5.43 8.96
O3 FUC H . -40.65 3.51 9.21
O4 FUC H . -41.78 3.87 6.71
O5 FUC H . -40.90 6.55 6.41
C1 FUC H . -44.37 11.46 5.35
C2 FUC H . -44.11 12.84 4.76
C3 FUC H . -42.63 13.15 4.85
C4 FUC H . -41.82 12.04 4.21
C5 FUC H . -42.21 10.71 4.83
C6 FUC H . -41.40 9.58 4.19
O2 FUC H . -44.87 13.82 5.47
O3 FUC H . -42.36 14.39 4.17
O4 FUC H . -42.09 12.00 2.80
O5 FUC H . -43.61 10.47 4.63
#